data_8XIT
#
_entry.id   8XIT
#
_cell.length_a   1.00
_cell.length_b   1.00
_cell.length_c   1.00
_cell.angle_alpha   90.00
_cell.angle_beta   90.00
_cell.angle_gamma   90.00
#
_symmetry.space_group_name_H-M   'P 1'
#
_entity_poly.entity_id   1
_entity_poly.type   'polypeptide(L)'
_entity_poly.pdbx_seq_one_letter_code
;MALSELALLRRLQESRHSRKLVLFIVFLALLLDNMLLTVVVPIIPSYLYSIEHEKDALEIQTAKPGLTASAPGSFQNIFS
YYDNSTMVTGNNTDHLQGPLVHEATTQRMVTNSSSAPSDCPSEDKDLLNENVQVGLLFASKATVQLLTNPFIGLLTNRIG
YPIPMFTGFCIMFISTVMFAFSRSYAFLLFARSLQGIGSSCSSVAGMGMLASVYTDDEERGNAMGIALGGLAMGVLVGPP
FGSVLYEFVGKTAPFLVLAALVLLDGAIQLFVLQPSRVQPESQKGTPLTTLLRDPYILIAAGSICFANMGIAMLEPALPI
WMMETMCSHKWQLGVAFLPASISYLIGTNVFGILARRQLADLEDNWETLNDNLKVIEKADNAAQVKDALTKMRAAALDAQ
KATPPKLEDKSPDSPEMKDFRHGFDILVGQIDDALKLANEGKVKEAQAAAEQLKTTRNAYIQKYLERARSTLRWLCALLG
MIIVGMSILCIPLAKNIYGLIAPNFGVGFAIGMVDSSMMPIMGYLVDLRHVSVYGSVYAIADVAFCMGYAIGPSAGGAIA
KAIGFPWLMTIIGIIDILFAPLCFFLRSPPAKEEKMAILMDHNCPIKTKMYTQNSSQSHPIGEDEDSESD
;
_entity_poly.pdbx_strand_id   A,B
#
# COMPACT_ATOMS: atom_id res chain seq x y z
N ARG A 16 -5.13 31.42 -3.27
CA ARG A 16 -5.92 32.23 -4.19
C ARG A 16 -6.64 31.37 -5.22
N HIS A 17 -7.17 32.01 -6.26
CA HIS A 17 -7.91 31.28 -7.28
C HIS A 17 -7.00 30.32 -8.05
N SER A 18 -5.75 30.73 -8.32
CA SER A 18 -4.87 29.92 -9.14
C SER A 18 -4.57 28.57 -8.51
N ARG A 19 -4.29 28.56 -7.20
CA ARG A 19 -3.98 27.30 -6.52
C ARG A 19 -5.18 26.36 -6.53
N LYS A 20 -6.36 26.89 -6.22
CA LYS A 20 -7.56 26.06 -6.21
C LYS A 20 -7.87 25.50 -7.59
N LEU A 21 -7.70 26.33 -8.63
CA LEU A 21 -7.95 25.85 -9.99
C LEU A 21 -7.00 24.73 -10.39
N VAL A 22 -5.72 24.87 -10.06
CA VAL A 22 -4.76 23.81 -10.35
C VAL A 22 -5.11 22.54 -9.60
N LEU A 23 -5.48 22.67 -8.32
CA LEU A 23 -5.87 21.49 -7.55
C LEU A 23 -7.07 20.79 -8.18
N PHE A 24 -8.07 21.55 -8.59
CA PHE A 24 -9.26 20.96 -9.20
C PHE A 24 -8.90 20.25 -10.51
N ILE A 25 -8.06 20.88 -11.33
CA ILE A 25 -7.68 20.29 -12.62
C ILE A 25 -6.94 18.97 -12.40
N VAL A 26 -5.97 18.97 -11.49
CA VAL A 26 -5.19 17.75 -11.24
C VAL A 26 -6.07 16.65 -10.66
N PHE A 27 -6.96 17.01 -9.73
CA PHE A 27 -7.87 16.04 -9.14
C PHE A 27 -8.73 15.37 -10.22
N LEU A 28 -9.32 16.18 -11.10
CA LEU A 28 -10.16 15.62 -12.15
C LEU A 28 -9.34 14.75 -13.10
N ALA A 29 -8.13 15.18 -13.42
CA ALA A 29 -7.28 14.40 -14.32
C ALA A 29 -6.98 13.01 -13.74
N LEU A 30 -6.60 12.95 -12.46
CA LEU A 30 -6.30 11.66 -11.85
C LEU A 30 -7.55 10.79 -11.74
N LEU A 31 -8.69 11.40 -11.37
CA LEU A 31 -9.93 10.64 -11.26
C LEU A 31 -10.31 10.03 -12.60
N LEU A 32 -10.22 10.80 -13.69
CA LEU A 32 -10.54 10.27 -15.01
C LEU A 32 -9.54 9.22 -15.45
N ASP A 33 -8.26 9.38 -15.09
CA ASP A 33 -7.27 8.35 -15.39
C ASP A 33 -7.67 7.00 -14.81
N ASN A 34 -7.97 6.97 -13.51
CA ASN A 34 -8.28 5.67 -12.90
C ASN A 34 -9.64 5.15 -13.36
N MET A 35 -10.60 6.04 -13.56
CA MET A 35 -11.91 5.61 -14.07
C MET A 35 -11.77 4.98 -15.45
N LEU A 36 -10.92 5.55 -16.30
CA LEU A 36 -10.67 4.94 -17.61
C LEU A 36 -9.98 3.60 -17.46
N LEU A 37 -9.10 3.46 -16.46
CA LEU A 37 -8.44 2.17 -16.26
C LEU A 37 -9.44 1.09 -15.89
N THR A 38 -10.38 1.38 -14.99
CA THR A 38 -11.17 0.33 -14.36
C THR A 38 -12.53 0.08 -15.00
N VAL A 39 -13.08 1.06 -15.74
CA VAL A 39 -14.48 1.02 -16.17
C VAL A 39 -14.81 -0.21 -17.04
N VAL A 40 -13.80 -0.89 -17.59
CA VAL A 40 -14.06 -1.96 -18.55
C VAL A 40 -14.53 -3.25 -17.88
N VAL A 41 -14.45 -3.35 -16.55
CA VAL A 41 -14.73 -4.62 -15.88
C VAL A 41 -16.15 -5.13 -16.13
N PRO A 42 -17.21 -4.35 -15.94
CA PRO A 42 -18.56 -4.90 -16.15
C PRO A 42 -18.85 -5.31 -17.59
N ILE A 43 -18.11 -4.78 -18.56
CA ILE A 43 -18.34 -5.12 -19.97
C ILE A 43 -17.69 -6.43 -20.37
N ILE A 44 -16.74 -6.94 -19.58
CA ILE A 44 -16.00 -8.14 -19.97
C ILE A 44 -16.90 -9.35 -20.23
N PRO A 45 -17.82 -9.74 -19.32
CA PRO A 45 -18.63 -10.93 -19.61
C PRO A 45 -19.53 -10.77 -20.83
N SER A 46 -20.05 -9.57 -21.07
CA SER A 46 -20.87 -9.35 -22.26
C SER A 46 -20.05 -9.53 -23.53
N TYR A 47 -18.84 -8.99 -23.54
CA TYR A 47 -17.98 -9.14 -24.72
C TYR A 47 -17.55 -10.59 -24.91
N LEU A 48 -17.34 -11.31 -23.81
CA LEU A 48 -16.88 -12.69 -23.91
C LEU A 48 -17.87 -13.57 -24.66
N TYR A 49 -19.16 -13.39 -24.38
CA TYR A 49 -20.19 -14.19 -25.05
C TYR A 49 -20.87 -13.38 -26.14
N GLN A 133 -6.05 -14.00 -23.74
CA GLN A 133 -6.78 -13.14 -24.68
C GLN A 133 -7.33 -11.90 -24.00
N VAL A 134 -7.95 -12.09 -22.84
CA VAL A 134 -8.58 -10.97 -22.14
C VAL A 134 -7.68 -10.39 -21.05
N GLY A 135 -6.83 -11.21 -20.43
CA GLY A 135 -5.92 -10.68 -19.43
C GLY A 135 -4.94 -9.67 -19.99
N LEU A 136 -4.39 -9.96 -21.17
CA LEU A 136 -3.50 -9.01 -21.82
C LEU A 136 -4.24 -7.73 -22.19
N LEU A 137 -5.46 -7.86 -22.70
CA LEU A 137 -6.26 -6.69 -23.03
C LEU A 137 -6.53 -5.84 -21.80
N PHE A 138 -6.72 -6.47 -20.64
CA PHE A 138 -6.95 -5.70 -19.42
C PHE A 138 -5.68 -5.04 -18.91
N ALA A 139 -4.56 -5.74 -18.96
CA ALA A 139 -3.33 -5.27 -18.34
C ALA A 139 -2.45 -4.42 -19.25
N SER A 140 -2.84 -4.24 -20.52
CA SER A 140 -2.01 -3.49 -21.44
C SER A 140 -1.81 -2.05 -20.98
N LYS A 141 -2.89 -1.39 -20.54
CA LYS A 141 -2.79 0.01 -20.14
C LYS A 141 -1.87 0.17 -18.93
N ALA A 142 -2.05 -0.69 -17.92
CA ALA A 142 -1.22 -0.61 -16.73
C ALA A 142 0.24 -0.87 -17.06
N THR A 143 0.52 -1.88 -17.89
CA THR A 143 1.91 -2.17 -18.25
C THR A 143 2.54 -0.98 -18.98
N VAL A 144 1.83 -0.41 -19.94
CA VAL A 144 2.38 0.70 -20.72
C VAL A 144 2.66 1.89 -19.82
N GLN A 145 1.71 2.23 -18.94
CA GLN A 145 1.89 3.38 -18.07
C GLN A 145 3.06 3.17 -17.11
N LEU A 146 3.16 1.97 -16.53
CA LEU A 146 4.24 1.71 -15.59
C LEU A 146 5.59 1.70 -16.28
N LEU A 147 5.63 1.35 -17.58
CA LEU A 147 6.89 1.42 -18.30
C LEU A 147 7.26 2.85 -18.68
N THR A 148 6.28 3.68 -19.02
CA THR A 148 6.57 4.98 -19.61
C THR A 148 6.52 6.15 -18.63
N ASN A 149 6.25 5.91 -17.35
CA ASN A 149 6.25 7.02 -16.39
C ASN A 149 7.58 7.74 -16.28
N PRO A 150 8.73 7.08 -16.08
CA PRO A 150 9.98 7.83 -15.85
C PRO A 150 10.40 8.73 -17.00
N PHE A 151 10.16 8.30 -18.25
CA PHE A 151 10.52 9.15 -19.39
C PHE A 151 9.74 10.44 -19.37
N ILE A 152 8.44 10.36 -19.07
CA ILE A 152 7.63 11.57 -18.96
C ILE A 152 8.11 12.44 -17.80
N GLY A 153 8.55 11.80 -16.72
CA GLY A 153 9.10 12.58 -15.62
C GLY A 153 10.32 13.38 -16.02
N LEU A 154 11.25 12.73 -16.73
CA LEU A 154 12.45 13.42 -17.20
C LEU A 154 12.10 14.52 -18.19
N LEU A 155 11.16 14.25 -19.10
CA LEU A 155 10.77 15.24 -20.09
C LEU A 155 10.16 16.48 -19.42
N THR A 156 9.30 16.27 -18.42
CA THR A 156 8.74 17.41 -17.70
C THR A 156 9.80 18.16 -16.91
N ASN A 157 10.77 17.44 -16.35
CA ASN A 157 11.88 18.11 -15.68
C ASN A 157 12.65 19.00 -16.64
N ARG A 158 12.80 18.55 -17.89
CA ARG A 158 13.57 19.31 -18.87
C ARG A 158 12.76 20.50 -19.40
N ILE A 159 11.62 20.24 -20.03
CA ILE A 159 10.88 21.29 -20.73
C ILE A 159 10.04 22.10 -19.76
N GLY A 160 9.09 21.46 -19.11
CA GLY A 160 8.14 22.15 -18.27
C GLY A 160 6.86 21.36 -18.11
N TYR A 161 6.01 21.82 -17.19
CA TYR A 161 4.80 21.08 -16.86
C TYR A 161 3.63 21.34 -17.81
N PRO A 162 3.30 22.59 -18.18
CA PRO A 162 2.05 22.80 -18.93
C PRO A 162 1.97 22.10 -20.27
N ILE A 163 3.07 21.96 -21.00
CA ILE A 163 3.03 21.41 -22.35
C ILE A 163 2.60 19.94 -22.37
N PRO A 164 3.20 19.05 -21.56
CA PRO A 164 2.79 17.64 -21.64
C PRO A 164 1.33 17.39 -21.29
N MET A 165 0.72 18.18 -20.41
CA MET A 165 -0.65 17.90 -20.01
C MET A 165 -1.62 18.01 -21.19
N PHE A 166 -1.45 19.01 -22.04
CA PHE A 166 -2.38 19.18 -23.14
C PHE A 166 -2.29 18.04 -24.15
N THR A 167 -1.07 17.61 -24.50
CA THR A 167 -0.94 16.49 -25.42
C THR A 167 -1.44 15.20 -24.78
N GLY A 168 -1.26 15.05 -23.45
CA GLY A 168 -1.85 13.90 -22.79
C GLY A 168 -3.36 13.88 -22.86
N PHE A 169 -3.99 15.04 -22.64
CA PHE A 169 -5.44 15.12 -22.74
C PHE A 169 -5.92 14.81 -24.15
N CYS A 170 -5.23 15.35 -25.16
CA CYS A 170 -5.61 15.06 -26.55
C CYS A 170 -5.47 13.59 -26.87
N ILE A 171 -4.37 12.96 -26.44
CA ILE A 171 -4.18 11.55 -26.69
C ILE A 171 -5.26 10.72 -26.01
N MET A 172 -5.60 11.07 -24.76
CA MET A 172 -6.65 10.34 -24.05
C MET A 172 -7.97 10.46 -24.79
N PHE A 173 -8.33 11.67 -25.24
CA PHE A 173 -9.60 11.84 -25.94
C PHE A 173 -9.65 11.03 -27.21
N ILE A 174 -8.60 11.12 -28.04
CA ILE A 174 -8.59 10.43 -29.32
C ILE A 174 -8.66 8.93 -29.12
N SER A 175 -7.85 8.42 -28.18
CA SER A 175 -7.80 6.97 -27.98
C SER A 175 -9.08 6.44 -27.38
N THR A 176 -9.71 7.21 -26.49
CA THR A 176 -10.99 6.79 -25.93
C THR A 176 -12.06 6.70 -27.01
N VAL A 177 -12.10 7.70 -27.90
CA VAL A 177 -13.07 7.64 -29.00
C VAL A 177 -12.80 6.43 -29.89
N MET A 178 -11.53 6.21 -30.23
CA MET A 178 -11.19 5.07 -31.09
C MET A 178 -11.57 3.74 -30.44
N PHE A 179 -11.32 3.60 -29.13
CA PHE A 179 -11.72 2.39 -28.43
C PHE A 179 -13.24 2.24 -28.41
N ALA A 180 -13.96 3.36 -28.30
CA ALA A 180 -15.41 3.30 -28.30
C ALA A 180 -15.94 2.77 -29.63
N PHE A 181 -15.36 3.23 -30.74
CA PHE A 181 -15.91 2.89 -32.06
C PHE A 181 -15.23 1.69 -32.71
N SER A 182 -14.28 1.04 -32.05
CA SER A 182 -13.58 -0.08 -32.67
C SER A 182 -14.30 -1.40 -32.37
N ARG A 183 -14.04 -2.39 -33.22
CA ARG A 183 -14.65 -3.71 -33.07
C ARG A 183 -13.66 -4.87 -33.15
N SER A 184 -12.42 -4.66 -33.55
CA SER A 184 -11.45 -5.73 -33.74
C SER A 184 -10.45 -5.76 -32.59
N TYR A 185 -9.89 -6.94 -32.36
CA TYR A 185 -9.02 -7.16 -31.21
C TYR A 185 -7.77 -6.27 -31.27
N ALA A 186 -7.13 -6.21 -32.44
CA ALA A 186 -5.91 -5.44 -32.56
C ALA A 186 -6.15 -3.95 -32.36
N PHE A 187 -7.26 -3.43 -32.91
CA PHE A 187 -7.58 -2.02 -32.71
C PHE A 187 -7.88 -1.73 -31.25
N LEU A 188 -8.58 -2.64 -30.56
CA LEU A 188 -8.84 -2.44 -29.14
C LEU A 188 -7.54 -2.39 -28.35
N LEU A 189 -6.60 -3.30 -28.66
CA LEU A 189 -5.32 -3.29 -27.95
C LEU A 189 -4.54 -2.01 -28.22
N PHE A 190 -4.53 -1.56 -29.48
CA PHE A 190 -3.81 -0.33 -29.82
C PHE A 190 -4.42 0.87 -29.10
N ALA A 191 -5.74 0.96 -29.07
CA ALA A 191 -6.40 2.06 -28.36
C ALA A 191 -6.11 2.01 -26.88
N ARG A 192 -6.07 0.81 -26.29
CA ARG A 192 -5.76 0.67 -24.88
C ARG A 192 -4.35 1.19 -24.59
N SER A 193 -3.38 0.82 -25.44
CA SER A 193 -2.01 1.31 -25.24
C SER A 193 -1.93 2.82 -25.38
N LEU A 194 -2.64 3.39 -26.36
CA LEU A 194 -2.65 4.84 -26.51
C LEU A 194 -3.23 5.52 -25.28
N GLN A 195 -4.32 4.98 -24.74
CA GLN A 195 -4.85 5.51 -23.49
C GLN A 195 -3.81 5.42 -22.38
N GLY A 196 -3.06 4.33 -22.33
CA GLY A 196 -2.04 4.20 -21.31
C GLY A 196 -1.00 5.29 -21.38
N ILE A 197 -0.48 5.55 -22.58
CA ILE A 197 0.54 6.60 -22.74
C ILE A 197 -0.03 7.96 -22.36
N GLY A 198 -1.22 8.28 -22.88
CA GLY A 198 -1.80 9.59 -22.60
C GLY A 198 -2.07 9.80 -21.13
N SER A 199 -2.64 8.79 -20.46
CA SER A 199 -2.95 8.90 -19.04
C SER A 199 -1.68 9.04 -18.21
N SER A 200 -0.63 8.26 -18.54
CA SER A 200 0.62 8.39 -17.81
C SER A 200 1.18 9.80 -17.92
N CYS A 201 1.22 10.34 -19.15
CA CYS A 201 1.77 11.68 -19.34
C CYS A 201 0.97 12.72 -18.56
N SER A 202 -0.36 12.67 -18.69
CA SER A 202 -1.20 13.67 -18.02
C SER A 202 -1.04 13.59 -16.50
N SER A 203 -1.07 12.37 -15.96
CA SER A 203 -1.00 12.21 -14.51
C SER A 203 0.34 12.71 -13.97
N VAL A 204 1.45 12.30 -14.59
CA VAL A 204 2.75 12.70 -14.08
C VAL A 204 2.93 14.21 -14.17
N ALA A 205 2.57 14.80 -15.31
CA ALA A 205 2.77 16.24 -15.47
C ALA A 205 1.89 17.03 -14.51
N GLY A 206 0.62 16.63 -14.35
CA GLY A 206 -0.26 17.33 -13.44
C GLY A 206 0.19 17.24 -12.00
N MET A 207 0.62 16.05 -11.57
CA MET A 207 1.11 15.91 -10.20
C MET A 207 2.35 16.76 -9.99
N GLY A 208 3.25 16.79 -10.98
CA GLY A 208 4.43 17.63 -10.86
C GLY A 208 4.09 19.11 -10.71
N MET A 209 3.18 19.61 -11.54
CA MET A 209 2.82 21.03 -11.46
C MET A 209 2.15 21.33 -10.13
N LEU A 210 1.26 20.45 -9.67
CA LEU A 210 0.59 20.68 -8.39
C LEU A 210 1.58 20.71 -7.24
N ALA A 211 2.59 19.83 -7.27
CA ALA A 211 3.63 19.88 -6.25
C ALA A 211 4.43 21.16 -6.35
N SER A 212 4.68 21.63 -7.57
CA SER A 212 5.48 22.84 -7.77
C SER A 212 4.77 24.07 -7.24
N VAL A 213 3.46 24.18 -7.44
CA VAL A 213 2.75 25.40 -7.08
C VAL A 213 2.78 25.62 -5.56
N TYR A 214 2.54 24.58 -4.78
CA TYR A 214 2.46 24.73 -3.33
C TYR A 214 3.86 24.76 -2.72
N THR A 215 4.14 25.79 -1.93
CA THR A 215 5.45 25.96 -1.31
C THR A 215 5.45 25.53 0.15
N ASP A 216 4.43 25.92 0.90
CA ASP A 216 4.36 25.56 2.32
C ASP A 216 4.23 24.05 2.48
N ASP A 217 4.92 23.52 3.49
CA ASP A 217 5.03 22.07 3.63
C ASP A 217 3.68 21.42 3.92
N GLU A 218 2.95 21.94 4.91
CA GLU A 218 1.68 21.31 5.29
C GLU A 218 0.63 21.46 4.19
N GLU A 219 0.60 22.61 3.51
CA GLU A 219 -0.30 22.78 2.38
C GLU A 219 0.06 21.83 1.25
N ARG A 220 1.35 21.66 0.98
CA ARG A 220 1.78 20.69 -0.04
C ARG A 220 1.34 19.28 0.31
N GLY A 221 1.48 18.91 1.59
CA GLY A 221 1.03 17.60 2.02
C GLY A 221 -0.47 17.42 1.87
N ASN A 222 -1.24 18.45 2.20
CA ASN A 222 -2.69 18.38 2.03
C ASN A 222 -3.07 18.23 0.56
N ALA A 223 -2.42 18.99 -0.32
CA ALA A 223 -2.72 18.89 -1.75
C ALA A 223 -2.37 17.50 -2.28
N MET A 224 -1.21 16.97 -1.88
CA MET A 224 -0.85 15.62 -2.30
C MET A 224 -1.84 14.59 -1.79
N GLY A 225 -2.31 14.77 -0.55
CA GLY A 225 -3.30 13.86 -0.01
C GLY A 225 -4.60 13.88 -0.79
N ILE A 226 -5.08 15.07 -1.15
CA ILE A 226 -6.31 15.17 -1.92
C ILE A 226 -6.14 14.54 -3.30
N ALA A 227 -5.02 14.82 -3.96
CA ALA A 227 -4.80 14.25 -5.30
C ALA A 227 -4.73 12.73 -5.25
N LEU A 228 -4.01 12.17 -4.28
CA LEU A 228 -3.95 10.72 -4.16
C LEU A 228 -5.29 10.13 -3.75
N GLY A 229 -6.10 10.88 -2.98
CA GLY A 229 -7.43 10.42 -2.66
C GLY A 229 -8.31 10.30 -3.89
N GLY A 230 -8.24 11.29 -4.79
CA GLY A 230 -8.95 11.17 -6.05
C GLY A 230 -8.46 10.01 -6.90
N LEU A 231 -7.14 9.85 -6.96
CA LEU A 231 -6.55 8.72 -7.69
C LEU A 231 -7.06 7.40 -7.16
N ALA A 232 -7.16 7.27 -5.83
CA ALA A 232 -7.59 6.01 -5.24
C ALA A 232 -9.09 5.78 -5.34
N MET A 233 -9.91 6.84 -5.30
CA MET A 233 -11.34 6.64 -5.42
C MET A 233 -11.78 6.40 -6.85
N GLY A 234 -10.96 6.76 -7.84
CA GLY A 234 -11.32 6.49 -9.22
C GLY A 234 -11.61 5.03 -9.47
N VAL A 235 -10.81 4.13 -8.89
CA VAL A 235 -10.97 2.70 -9.15
C VAL A 235 -12.28 2.18 -8.60
N LEU A 236 -12.75 2.71 -7.46
CA LEU A 236 -14.04 2.26 -6.95
C LEU A 236 -15.20 2.89 -7.70
N VAL A 237 -15.08 4.17 -8.10
CA VAL A 237 -16.20 4.79 -8.79
C VAL A 237 -16.34 4.26 -10.21
N GLY A 238 -15.28 3.66 -10.77
CA GLY A 238 -15.32 3.12 -12.10
C GLY A 238 -16.46 2.15 -12.41
N PRO A 239 -16.43 0.96 -11.80
CA PRO A 239 -17.34 -0.12 -12.22
C PRO A 239 -18.81 0.22 -12.04
N PRO A 240 -19.25 0.79 -10.91
CA PRO A 240 -20.69 1.10 -10.80
C PRO A 240 -21.19 2.08 -11.84
N PHE A 241 -20.45 3.17 -12.05
CA PHE A 241 -20.81 4.15 -13.07
C PHE A 241 -20.85 3.51 -14.45
N GLY A 242 -19.83 2.73 -14.79
CA GLY A 242 -19.80 2.08 -16.08
C GLY A 242 -20.98 1.14 -16.28
N SER A 243 -21.27 0.32 -15.27
CA SER A 243 -22.36 -0.65 -15.39
C SER A 243 -23.71 0.03 -15.53
N VAL A 244 -23.97 1.05 -14.71
CA VAL A 244 -25.27 1.71 -14.77
C VAL A 244 -25.46 2.40 -16.10
N LEU A 245 -24.43 3.10 -16.60
CA LEU A 245 -24.55 3.72 -17.92
C LEU A 245 -24.72 2.68 -19.00
N TYR A 246 -24.02 1.55 -18.88
CA TYR A 246 -24.10 0.50 -19.90
C TYR A 246 -25.51 -0.09 -19.99
N GLU A 247 -26.13 -0.37 -18.84
CA GLU A 247 -27.39 -1.09 -18.89
C GLU A 247 -28.62 -0.19 -18.86
N PHE A 248 -28.48 1.11 -18.61
CA PHE A 248 -29.58 2.02 -18.87
C PHE A 248 -29.62 2.48 -20.33
N VAL A 249 -28.58 3.19 -20.77
CA VAL A 249 -28.61 3.87 -22.07
C VAL A 249 -27.46 3.37 -22.94
N GLY A 250 -27.81 2.95 -24.15
CA GLY A 250 -26.83 2.70 -25.18
C GLY A 250 -25.87 1.55 -24.92
N LYS A 251 -24.83 1.52 -25.74
CA LYS A 251 -23.77 0.52 -25.72
C LYS A 251 -22.40 1.12 -25.49
N THR A 252 -22.14 2.31 -26.05
CA THR A 252 -20.86 3.00 -25.89
C THR A 252 -21.00 4.31 -25.13
N ALA A 253 -22.04 4.43 -24.30
CA ALA A 253 -22.26 5.67 -23.56
C ALA A 253 -21.14 6.01 -22.58
N PRO A 254 -20.65 5.09 -21.73
CA PRO A 254 -19.61 5.49 -20.78
C PRO A 254 -18.35 6.03 -21.41
N PHE A 255 -17.92 5.46 -22.54
CA PHE A 255 -16.72 5.95 -23.21
C PHE A 255 -16.91 7.37 -23.72
N LEU A 256 -18.08 7.64 -24.31
CA LEU A 256 -18.34 9.00 -24.81
C LEU A 256 -18.45 9.99 -23.65
N VAL A 257 -19.05 9.58 -22.54
CA VAL A 257 -19.13 10.48 -21.38
C VAL A 257 -17.75 10.80 -20.85
N LEU A 258 -16.88 9.78 -20.75
CA LEU A 258 -15.52 10.02 -20.28
C LEU A 258 -14.74 10.91 -21.24
N ALA A 259 -14.94 10.72 -22.55
CA ALA A 259 -14.30 11.58 -23.53
C ALA A 259 -14.77 13.03 -23.39
N ALA A 260 -16.07 13.21 -23.16
CA ALA A 260 -16.60 14.57 -22.96
C ALA A 260 -16.01 15.21 -21.72
N LEU A 261 -15.88 14.44 -20.63
CA LEU A 261 -15.26 14.99 -19.42
C LEU A 261 -13.80 15.36 -19.67
N VAL A 262 -13.07 14.53 -20.41
CA VAL A 262 -11.68 14.84 -20.76
C VAL A 262 -11.62 16.15 -21.53
N LEU A 263 -12.50 16.30 -22.53
CA LEU A 263 -12.51 17.51 -23.34
C LEU A 263 -12.83 18.74 -22.49
N LEU A 264 -13.80 18.63 -21.59
CA LEU A 264 -14.16 19.75 -20.74
C LEU A 264 -13.02 20.15 -19.83
N ASP A 265 -12.33 19.17 -19.24
CA ASP A 265 -11.19 19.49 -18.38
C ASP A 265 -10.07 20.13 -19.18
N GLY A 266 -9.81 19.64 -20.39
CA GLY A 266 -8.80 20.27 -21.23
C GLY A 266 -9.14 21.71 -21.58
N ALA A 267 -10.42 21.96 -21.89
CA ALA A 267 -10.85 23.33 -22.19
C ALA A 267 -10.68 24.23 -20.98
N ILE A 268 -11.04 23.74 -19.79
CA ILE A 268 -10.85 24.53 -18.58
C ILE A 268 -9.38 24.84 -18.36
N GLN A 269 -8.51 23.85 -18.58
CA GLN A 269 -7.08 24.09 -18.44
C GLN A 269 -6.59 25.13 -19.44
N LEU A 270 -7.09 25.08 -20.68
CA LEU A 270 -6.58 25.96 -21.72
C LEU A 270 -7.04 27.40 -21.51
N PHE A 271 -8.32 27.61 -21.20
CA PHE A 271 -8.86 28.97 -21.19
C PHE A 271 -8.78 29.64 -19.83
N VAL A 272 -9.40 29.05 -18.81
CA VAL A 272 -9.52 29.71 -17.51
C VAL A 272 -8.14 29.92 -16.89
N LEU A 273 -7.28 28.91 -16.94
CA LEU A 273 -5.98 29.01 -16.31
C LEU A 273 -5.12 30.05 -17.02
N GLN A 274 -4.47 30.90 -16.23
CA GLN A 274 -3.62 31.96 -16.79
C GLN A 274 -2.28 32.02 -16.06
N TYR A 296 17.96 15.46 -32.49
CA TYR A 296 16.57 15.66 -32.89
C TYR A 296 15.67 14.81 -31.99
N ILE A 297 15.08 15.46 -30.98
CA ILE A 297 14.46 14.73 -29.88
C ILE A 297 13.08 14.20 -30.28
N LEU A 298 12.48 14.78 -31.32
CA LEU A 298 11.11 14.39 -31.67
C LEU A 298 11.06 12.94 -32.14
N ILE A 299 11.98 12.53 -33.01
CA ILE A 299 12.00 11.14 -33.47
C ILE A 299 12.36 10.21 -32.32
N ALA A 300 13.18 10.70 -31.37
CA ALA A 300 13.48 9.90 -30.19
C ALA A 300 12.23 9.65 -29.36
N ALA A 301 11.41 10.68 -29.18
CA ALA A 301 10.16 10.52 -28.43
C ALA A 301 9.22 9.57 -29.15
N GLY A 302 9.12 9.69 -30.48
CA GLY A 302 8.30 8.76 -31.24
C GLY A 302 8.77 7.32 -31.08
N SER A 303 10.08 7.10 -31.14
CA SER A 303 10.62 5.76 -30.95
C SER A 303 10.35 5.25 -29.54
N ILE A 304 10.46 6.11 -28.53
CA ILE A 304 10.22 5.73 -27.15
C ILE A 304 8.78 5.28 -26.99
N CYS A 305 7.84 6.04 -27.56
CA CYS A 305 6.44 5.66 -27.51
C CYS A 305 6.17 4.34 -28.23
N PHE A 306 6.73 4.17 -29.43
CA PHE A 306 6.45 2.95 -30.19
C PHE A 306 7.04 1.71 -29.51
N ALA A 307 8.24 1.83 -28.94
CA ALA A 307 8.84 0.69 -28.26
C ALA A 307 8.03 0.29 -27.03
N ASN A 308 7.56 1.28 -26.27
CA ASN A 308 6.75 0.99 -25.09
C ASN A 308 5.44 0.34 -25.48
N MET A 309 4.82 0.79 -26.58
CA MET A 309 3.64 0.09 -27.09
C MET A 309 3.96 -1.34 -27.47
N GLY A 310 5.05 -1.54 -28.22
CA GLY A 310 5.37 -2.86 -28.73
C GLY A 310 5.69 -3.86 -27.64
N ILE A 311 6.31 -3.39 -26.54
CA ILE A 311 6.65 -4.30 -25.45
C ILE A 311 5.39 -4.91 -24.85
N ALA A 312 4.35 -4.09 -24.64
CA ALA A 312 3.13 -4.56 -24.00
C ALA A 312 2.11 -5.14 -24.98
N MET A 313 2.27 -4.89 -26.29
CA MET A 313 1.30 -5.42 -27.24
C MET A 313 1.48 -6.91 -27.51
N LEU A 314 2.71 -7.41 -27.48
CA LEU A 314 3.00 -8.79 -27.85
C LEU A 314 3.56 -9.54 -26.64
N GLU A 315 2.88 -10.63 -26.25
CA GLU A 315 3.31 -11.47 -25.14
C GLU A 315 2.83 -12.89 -25.43
N PRO A 316 3.73 -13.80 -25.80
CA PRO A 316 3.32 -15.19 -26.09
C PRO A 316 2.84 -15.93 -24.85
N ALA A 317 3.68 -15.93 -23.80
CA ALA A 317 3.38 -16.47 -22.48
C ALA A 317 3.33 -18.00 -22.45
N LEU A 318 3.39 -18.64 -23.62
CA LEU A 318 3.41 -20.10 -23.78
C LEU A 318 2.39 -20.79 -22.88
N PRO A 319 1.10 -20.69 -23.19
CA PRO A 319 0.07 -21.30 -22.33
C PRO A 319 -0.31 -22.73 -22.68
N ILE A 320 0.44 -23.41 -23.54
CA ILE A 320 0.04 -24.76 -23.98
C ILE A 320 0.10 -25.74 -22.81
N TRP A 321 1.19 -25.70 -22.03
CA TRP A 321 1.36 -26.60 -20.90
C TRP A 321 1.83 -25.88 -19.64
N MET A 322 1.92 -24.56 -19.66
CA MET A 322 2.30 -23.83 -18.45
C MET A 322 1.20 -23.90 -17.40
N MET A 323 -0.06 -23.88 -17.83
CA MET A 323 -1.16 -23.88 -16.88
C MET A 323 -1.20 -25.15 -16.05
N GLU A 324 -0.99 -26.31 -16.70
CA GLU A 324 -1.10 -27.58 -15.98
C GLU A 324 0.04 -27.73 -14.97
N THR A 325 1.23 -27.24 -15.31
CA THR A 325 2.37 -27.31 -14.39
C THR A 325 2.39 -26.15 -13.40
N MET A 326 1.50 -25.17 -13.56
CA MET A 326 1.36 -24.12 -12.56
C MET A 326 0.26 -24.41 -11.55
N CYS A 327 -0.85 -25.01 -11.99
CA CYS A 327 -1.95 -25.30 -11.08
C CYS A 327 -1.65 -26.53 -10.20
N SER A 328 -1.10 -27.59 -10.80
CA SER A 328 -0.85 -28.81 -10.04
C SER A 328 0.25 -28.60 -9.01
N HIS A 329 1.33 -27.91 -9.39
CA HIS A 329 2.47 -27.70 -8.52
C HIS A 329 2.79 -26.21 -8.46
N LYS A 330 2.98 -25.69 -7.25
CA LYS A 330 3.23 -24.27 -7.05
C LYS A 330 4.69 -23.96 -6.72
N TRP A 331 5.43 -24.94 -6.21
CA TRP A 331 6.84 -24.69 -5.87
C TRP A 331 7.64 -24.38 -7.12
N GLN A 332 7.27 -24.97 -8.26
CA GLN A 332 7.90 -24.61 -9.52
C GLN A 332 7.67 -23.15 -9.87
N LEU A 333 6.43 -22.68 -9.66
CA LEU A 333 6.13 -21.27 -9.89
C LEU A 333 6.98 -20.38 -8.98
N GLY A 334 7.09 -20.74 -7.71
CA GLY A 334 7.90 -19.95 -6.79
C GLY A 334 9.36 -19.90 -7.21
N VAL A 335 9.96 -21.05 -7.51
CA VAL A 335 11.36 -21.06 -7.88
C VAL A 335 11.58 -20.34 -9.20
N ALA A 336 10.56 -20.30 -10.07
CA ALA A 336 10.70 -19.55 -11.31
C ALA A 336 10.61 -18.04 -11.10
N PHE A 337 9.75 -17.58 -10.19
CA PHE A 337 9.41 -16.16 -10.13
C PHE A 337 10.09 -15.37 -9.02
N LEU A 338 10.50 -15.99 -7.91
CA LEU A 338 11.12 -15.23 -6.83
C LEU A 338 12.43 -14.50 -7.17
N PRO A 339 13.37 -15.06 -7.94
CA PRO A 339 14.68 -14.38 -8.10
C PRO A 339 14.62 -12.94 -8.61
N ALA A 340 13.47 -12.48 -9.11
CA ALA A 340 13.34 -11.06 -9.46
C ALA A 340 13.55 -10.17 -8.24
N SER A 341 13.17 -10.65 -7.05
CA SER A 341 13.38 -9.88 -5.83
C SER A 341 14.86 -9.67 -5.55
N ILE A 342 15.69 -10.70 -5.77
CA ILE A 342 17.12 -10.54 -5.59
C ILE A 342 17.71 -9.65 -6.68
N SER A 343 17.24 -9.81 -7.91
CA SER A 343 17.73 -8.96 -9.00
C SER A 343 17.45 -7.48 -8.75
N TYR A 344 16.28 -7.17 -8.17
CA TYR A 344 15.95 -5.78 -7.85
C TYR A 344 16.95 -5.19 -6.87
N LEU A 345 17.25 -5.93 -5.80
CA LEU A 345 18.20 -5.45 -4.81
C LEU A 345 19.59 -5.27 -5.42
N ILE A 346 20.00 -6.20 -6.28
CA ILE A 346 21.30 -6.06 -6.93
C ILE A 346 21.34 -4.81 -7.80
N GLY A 347 20.27 -4.57 -8.57
CA GLY A 347 20.27 -3.49 -9.53
C GLY A 347 19.99 -2.12 -8.94
N THR A 348 19.54 -2.06 -7.69
CA THR A 348 19.23 -0.76 -7.08
C THR A 348 20.49 0.09 -6.87
N ASN A 349 21.68 -0.49 -6.88
CA ASN A 349 22.90 0.23 -6.54
C ASN A 349 23.65 0.80 -7.74
N VAL A 350 23.13 0.62 -8.95
CA VAL A 350 23.89 0.95 -10.16
C VAL A 350 24.14 2.46 -10.24
N PHE A 351 23.09 3.26 -10.04
CA PHE A 351 23.26 4.71 -10.13
C PHE A 351 24.21 5.23 -9.06
N GLY A 352 24.10 4.70 -7.84
CA GLY A 352 25.02 5.13 -6.79
C GLY A 352 26.46 4.83 -7.14
N ILE A 353 26.73 3.60 -7.60
CA ILE A 353 28.10 3.22 -7.94
C ILE A 353 28.63 4.10 -9.07
N LEU A 354 27.82 4.30 -10.11
CA LEU A 354 28.28 5.08 -11.25
C LEU A 354 28.53 6.53 -10.86
N ALA A 355 27.65 7.12 -10.05
CA ALA A 355 27.84 8.50 -9.64
C ALA A 355 29.08 8.66 -8.76
N ARG A 356 29.30 7.71 -7.84
CA ARG A 356 30.49 7.78 -7.00
C ARG A 356 31.76 7.66 -7.83
N ARG A 357 31.75 6.77 -8.82
CA ARG A 357 32.92 6.67 -9.71
C ARG A 357 33.13 7.95 -10.50
N GLN A 358 32.05 8.54 -11.01
CA GLN A 358 32.16 9.68 -11.90
C GLN A 358 32.63 10.93 -11.15
N LEU A 359 32.13 11.14 -9.94
CA LEU A 359 32.48 12.34 -9.18
C LEU A 359 33.96 12.33 -8.80
N ALA A 360 34.47 11.16 -8.38
CA ALA A 360 35.86 11.07 -7.94
C ALA A 360 36.83 11.37 -9.06
N ASP A 361 36.52 10.93 -10.28
CA ASP A 361 37.40 11.18 -11.42
C ASP A 361 37.55 12.68 -11.66
N LEU A 362 36.44 13.42 -11.60
CA LEU A 362 36.52 14.87 -11.77
C LEU A 362 37.22 15.53 -10.60
N GLU A 363 36.99 15.04 -9.37
CA GLU A 363 37.61 15.65 -8.21
C GLU A 363 39.13 15.49 -8.22
N ASP A 364 39.61 14.32 -8.65
CA ASP A 364 41.05 14.03 -8.59
C ASP A 364 41.84 14.98 -9.48
N ASN A 365 41.31 15.30 -10.66
CA ASN A 365 42.03 16.17 -11.58
C ASN A 365 42.25 17.55 -10.95
N TRP A 366 41.19 18.12 -10.35
CA TRP A 366 41.30 19.47 -9.81
C TRP A 366 41.96 19.50 -8.43
N GLU A 367 42.00 18.37 -7.72
CA GLU A 367 42.57 18.37 -6.37
C GLU A 367 44.06 18.65 -6.40
N THR A 368 44.75 18.20 -7.45
CA THR A 368 46.18 18.45 -7.56
C THR A 368 46.46 19.96 -7.66
N LEU A 369 45.65 20.67 -8.44
CA LEU A 369 45.83 22.12 -8.56
C LEU A 369 45.23 22.85 -7.37
N ASN A 370 44.40 22.17 -6.59
CA ASN A 370 43.79 22.79 -5.41
C ASN A 370 44.84 23.20 -4.39
N ASP A 371 45.87 22.37 -4.21
CA ASP A 371 46.95 22.64 -3.26
C ASP A 371 46.42 22.83 -1.85
N GLN A 384 52.89 26.55 -4.40
CA GLN A 384 52.25 27.80 -4.06
C GLN A 384 51.69 28.50 -5.29
N VAL A 385 51.60 29.83 -5.24
CA VAL A 385 51.05 30.60 -6.34
C VAL A 385 51.93 30.48 -7.58
N LYS A 386 53.25 30.35 -7.38
CA LYS A 386 54.16 30.25 -8.53
C LYS A 386 53.88 28.99 -9.34
N ASP A 387 53.70 27.85 -8.67
CA ASP A 387 53.40 26.61 -9.38
C ASP A 387 52.04 26.69 -10.07
N ALA A 388 51.06 27.32 -9.42
CA ALA A 388 49.75 27.49 -10.04
C ALA A 388 49.84 28.32 -11.31
N LEU A 389 50.61 29.43 -11.27
CA LEU A 389 50.79 30.24 -12.47
C LEU A 389 51.54 29.47 -13.55
N THR A 390 52.54 28.68 -13.16
CA THR A 390 53.29 27.89 -14.13
C THR A 390 52.39 26.89 -14.83
N LYS A 391 51.50 26.23 -14.07
CA LYS A 391 50.54 25.33 -14.70
C LYS A 391 49.55 26.09 -15.56
N MET A 392 49.17 27.29 -15.12
CA MET A 392 48.26 28.13 -15.90
C MET A 392 48.86 28.51 -17.25
N ARG A 393 50.19 28.62 -17.32
CA ARG A 393 50.84 28.98 -18.57
C ARG A 393 50.46 28.02 -19.69
N ALA A 394 50.28 26.75 -19.37
CA ALA A 394 49.85 25.77 -20.36
C ALA A 394 48.33 25.59 -20.32
N GLY A 423 37.29 29.06 -24.74
CA GLY A 423 36.97 30.42 -24.38
C GLY A 423 36.50 30.58 -22.95
N PHE A 424 35.47 29.82 -22.57
CA PHE A 424 34.96 29.87 -21.21
C PHE A 424 36.00 29.39 -20.21
N ASP A 425 36.71 28.29 -20.54
CA ASP A 425 37.74 27.79 -19.65
C ASP A 425 38.89 28.79 -19.52
N ILE A 426 39.26 29.44 -20.62
CA ILE A 426 40.31 30.45 -20.59
C ILE A 426 39.90 31.62 -19.70
N LEU A 427 38.64 32.06 -19.84
CA LEU A 427 38.14 33.16 -19.01
C LEU A 427 38.14 32.78 -17.54
N VAL A 428 37.70 31.56 -17.23
CA VAL A 428 37.69 31.11 -15.83
C VAL A 428 39.12 31.09 -15.28
N GLY A 429 40.06 30.53 -16.05
CA GLY A 429 41.44 30.49 -15.60
C GLY A 429 42.02 31.88 -15.38
N GLN A 430 41.68 32.83 -16.25
CA GLN A 430 42.15 34.20 -16.08
C GLN A 430 41.56 34.82 -14.82
N ILE A 431 40.27 34.61 -14.56
CA ILE A 431 39.65 35.24 -13.41
C ILE A 431 40.08 34.57 -12.12
N ASP A 432 40.63 33.35 -12.21
CA ASP A 432 41.25 32.76 -11.02
C ASP A 432 42.44 33.59 -10.55
N ASP A 433 43.27 34.05 -11.47
CA ASP A 433 44.44 34.84 -11.12
C ASP A 433 44.05 36.21 -10.58
N LEU A 453 37.55 32.70 -7.55
CA LEU A 453 38.59 31.79 -7.07
C LEU A 453 37.98 30.46 -6.61
N LYS A 454 37.83 30.31 -5.30
CA LYS A 454 37.24 29.08 -4.76
C LYS A 454 35.78 28.94 -5.20
N THR A 455 35.03 30.05 -5.18
CA THR A 455 33.63 30.02 -5.58
C THR A 455 33.50 29.65 -7.06
N THR A 456 34.43 30.13 -7.89
CA THR A 456 34.41 29.75 -9.30
C THR A 456 34.59 28.25 -9.47
N ARG A 457 35.53 27.66 -8.73
CA ARG A 457 35.72 26.21 -8.78
C ARG A 457 34.49 25.47 -8.30
N ASN A 458 33.86 25.95 -7.22
CA ASN A 458 32.65 25.31 -6.72
C ASN A 458 31.55 25.33 -7.76
N ALA A 459 31.32 26.50 -8.38
CA ALA A 459 30.28 26.61 -9.39
C ALA A 459 30.56 25.71 -10.59
N TYR A 460 31.82 25.69 -11.04
CA TYR A 460 32.21 24.84 -12.16
C TYR A 460 31.93 23.38 -11.86
N ILE A 461 32.37 22.91 -10.69
CA ILE A 461 32.16 21.52 -10.31
C ILE A 461 30.67 21.20 -10.24
N GLN A 462 29.88 22.07 -9.60
CA GLN A 462 28.45 21.81 -9.46
C GLN A 462 27.76 21.73 -10.81
N LYS A 463 28.05 22.67 -11.71
CA LYS A 463 27.33 22.67 -12.98
C LYS A 463 27.74 21.50 -13.88
N TYR A 464 29.04 21.22 -13.98
CA TYR A 464 29.44 20.05 -14.77
C TYR A 464 28.90 18.76 -14.16
N LEU A 465 28.88 18.65 -12.83
CA LEU A 465 28.32 17.47 -12.19
C LEU A 465 26.84 17.33 -12.52
N GLU A 466 26.10 18.44 -12.52
CA GLU A 466 24.67 18.37 -12.82
C GLU A 466 24.45 17.88 -14.25
N ARG A 467 25.21 18.41 -15.20
CA ARG A 467 25.06 17.95 -16.59
C ARG A 467 25.40 16.46 -16.70
N ALA A 468 26.46 16.02 -16.03
CA ALA A 468 26.84 14.62 -16.09
C ALA A 468 25.76 13.73 -15.49
N ARG A 469 25.17 14.15 -14.37
CA ARG A 469 24.10 13.37 -13.75
C ARG A 469 22.90 13.25 -14.67
N SER A 470 22.52 14.34 -15.35
CA SER A 470 21.40 14.28 -16.27
C SER A 470 21.67 13.31 -17.41
N THR A 471 22.87 13.38 -17.99
CA THR A 471 23.23 12.46 -19.07
C THR A 471 23.19 11.02 -18.59
N LEU A 472 23.70 10.76 -17.40
CA LEU A 472 23.73 9.39 -16.88
C LEU A 472 22.32 8.87 -16.61
N ARG A 473 21.42 9.74 -16.14
CA ARG A 473 20.03 9.33 -15.95
C ARG A 473 19.39 8.94 -17.28
N TRP A 474 19.61 9.73 -18.32
CA TRP A 474 19.05 9.37 -19.63
C TRP A 474 19.62 8.04 -20.10
N LEU A 475 20.92 7.84 -19.93
CA LEU A 475 21.56 6.59 -20.37
C LEU A 475 20.99 5.39 -19.64
N CYS A 476 20.81 5.49 -18.32
CA CYS A 476 20.35 4.34 -17.56
C CYS A 476 18.89 4.03 -17.88
N ALA A 477 18.07 5.06 -18.11
CA ALA A 477 16.69 4.81 -18.52
C ALA A 477 16.65 4.06 -19.85
N LEU A 478 17.45 4.50 -20.83
CA LEU A 478 17.47 3.80 -22.12
C LEU A 478 17.97 2.37 -21.96
N LEU A 479 19.00 2.17 -21.13
CA LEU A 479 19.54 0.82 -20.93
C LEU A 479 18.50 -0.09 -20.30
N GLY A 480 17.74 0.41 -19.32
CA GLY A 480 16.70 -0.41 -18.72
C GLY A 480 15.63 -0.80 -19.71
N MET A 481 15.20 0.16 -20.55
CA MET A 481 14.22 -0.17 -21.57
C MET A 481 14.74 -1.23 -22.53
N ILE A 482 16.01 -1.11 -22.94
CA ILE A 482 16.60 -2.09 -23.86
C ILE A 482 16.65 -3.47 -23.22
N ILE A 483 17.04 -3.54 -21.94
CA ILE A 483 17.12 -4.83 -21.26
C ILE A 483 15.75 -5.48 -21.17
N VAL A 484 14.73 -4.70 -20.81
CA VAL A 484 13.38 -5.26 -20.71
C VAL A 484 12.92 -5.78 -22.08
N GLY A 485 13.18 -5.02 -23.14
CA GLY A 485 12.80 -5.48 -24.47
C GLY A 485 13.52 -6.75 -24.88
N MET A 486 14.81 -6.84 -24.60
CA MET A 486 15.56 -8.05 -24.94
C MET A 486 15.03 -9.25 -24.18
N SER A 487 14.72 -9.07 -22.89
CA SER A 487 14.21 -10.18 -22.10
C SER A 487 12.84 -10.64 -22.60
N ILE A 488 11.96 -9.70 -22.93
CA ILE A 488 10.63 -10.09 -23.41
C ILE A 488 10.72 -10.70 -24.81
N LEU A 489 11.77 -10.38 -25.57
CA LEU A 489 11.96 -11.06 -26.85
C LEU A 489 12.57 -12.45 -26.67
N CYS A 490 13.35 -12.66 -25.62
CA CYS A 490 13.99 -13.94 -25.36
C CYS A 490 13.12 -14.91 -24.57
N ILE A 491 12.04 -14.45 -23.96
CA ILE A 491 11.20 -15.34 -23.15
C ILE A 491 10.65 -16.54 -23.91
N PRO A 492 10.12 -16.43 -25.14
CA PRO A 492 9.40 -17.58 -25.71
C PRO A 492 10.28 -18.76 -26.07
N LEU A 493 11.61 -18.59 -26.10
CA LEU A 493 12.50 -19.65 -26.56
C LEU A 493 12.56 -20.81 -25.56
N ALA A 494 12.32 -20.54 -24.28
CA ALA A 494 12.49 -21.56 -23.25
C ALA A 494 11.49 -22.69 -23.44
N LYS A 495 11.94 -23.92 -23.12
CA LYS A 495 11.13 -25.12 -23.27
C LYS A 495 10.78 -25.79 -21.95
N ASN A 496 11.40 -25.40 -20.85
CA ASN A 496 11.13 -25.96 -19.54
C ASN A 496 10.89 -24.84 -18.54
N ILE A 497 10.48 -25.23 -17.34
CA ILE A 497 10.19 -24.25 -16.30
C ILE A 497 11.46 -23.50 -15.91
N TYR A 498 12.57 -24.23 -15.75
CA TYR A 498 13.83 -23.61 -15.36
C TYR A 498 14.33 -22.63 -16.41
N GLY A 499 13.94 -22.79 -17.67
CA GLY A 499 14.32 -21.85 -18.70
C GLY A 499 13.78 -20.45 -18.47
N LEU A 500 12.79 -20.31 -17.60
CA LEU A 500 12.27 -19.00 -17.23
C LEU A 500 13.08 -18.32 -16.13
N ILE A 501 14.09 -18.98 -15.58
CA ILE A 501 14.89 -18.35 -14.53
C ILE A 501 15.75 -17.23 -15.10
N ALA A 502 16.36 -17.47 -16.27
CA ALA A 502 17.25 -16.46 -16.85
C ALA A 502 16.54 -15.17 -17.23
N PRO A 503 15.41 -15.18 -17.94
CA PRO A 503 14.77 -13.90 -18.29
C PRO A 503 14.35 -13.07 -17.09
N ASN A 504 13.85 -13.72 -16.03
CA ASN A 504 13.38 -12.97 -14.86
C ASN A 504 14.51 -12.17 -14.23
N PHE A 505 15.68 -12.81 -14.07
CA PHE A 505 16.83 -12.12 -13.52
C PHE A 505 17.18 -10.88 -14.34
N GLY A 506 16.82 -10.87 -15.62
CA GLY A 506 16.96 -9.66 -16.41
C GLY A 506 15.96 -8.59 -16.01
N VAL A 507 14.67 -8.94 -16.04
CA VAL A 507 13.63 -7.92 -15.89
C VAL A 507 13.75 -7.22 -14.54
N GLY A 508 13.82 -8.01 -13.46
CA GLY A 508 13.95 -7.44 -12.15
C GLY A 508 15.17 -6.55 -12.00
N PHE A 509 16.19 -6.76 -12.81
CA PHE A 509 17.34 -5.85 -12.79
C PHE A 509 16.93 -4.48 -13.32
N ALA A 510 16.33 -4.44 -14.51
CA ALA A 510 16.08 -3.15 -15.16
C ALA A 510 15.12 -2.30 -14.34
N ILE A 511 14.02 -2.89 -13.89
CA ILE A 511 13.05 -2.17 -13.06
C ILE A 511 13.73 -1.60 -11.83
N GLY A 512 14.73 -2.29 -11.30
CA GLY A 512 15.49 -1.73 -10.19
C GLY A 512 16.31 -0.53 -10.63
N MET A 513 17.08 -0.68 -11.70
CA MET A 513 18.08 0.32 -12.06
C MET A 513 17.44 1.66 -12.33
N VAL A 514 16.34 1.67 -13.09
CA VAL A 514 15.65 2.93 -13.37
C VAL A 514 15.25 3.62 -12.09
N ASP A 515 14.72 2.86 -11.12
CA ASP A 515 14.31 3.46 -9.85
C ASP A 515 15.48 4.16 -9.18
N SER A 516 16.68 3.57 -9.27
CA SER A 516 17.85 4.14 -8.62
C SER A 516 18.15 5.54 -9.11
N SER A 517 17.67 5.91 -10.30
CA SER A 517 17.93 7.24 -10.83
C SER A 517 16.75 8.19 -10.67
N MET A 518 15.56 7.67 -10.35
CA MET A 518 14.36 8.51 -10.37
C MET A 518 13.91 8.95 -9.00
N MET A 519 14.19 8.17 -7.96
CA MET A 519 13.72 8.49 -6.62
C MET A 519 14.26 9.82 -6.08
N PRO A 520 15.55 10.15 -6.20
CA PRO A 520 16.04 11.38 -5.55
C PRO A 520 15.34 12.65 -6.01
N ILE A 521 14.88 12.72 -7.25
CA ILE A 521 14.25 13.95 -7.73
C ILE A 521 12.73 13.93 -7.54
N MET A 522 12.09 12.80 -7.81
CA MET A 522 10.64 12.70 -7.70
C MET A 522 10.27 11.53 -6.80
N GLY A 523 9.28 11.75 -5.95
CA GLY A 523 8.92 10.76 -4.94
C GLY A 523 7.53 10.18 -5.06
N TYR A 524 6.70 10.74 -5.93
CA TYR A 524 5.33 10.25 -6.07
C TYR A 524 5.21 9.11 -7.07
N LEU A 525 6.30 8.74 -7.76
CA LEU A 525 6.23 7.62 -8.70
C LEU A 525 5.88 6.32 -7.99
N VAL A 526 6.43 6.12 -6.80
CA VAL A 526 6.11 4.92 -6.03
C VAL A 526 4.63 4.89 -5.68
N ASP A 527 4.07 6.03 -5.26
CA ASP A 527 2.66 6.09 -4.92
C ASP A 527 1.78 5.80 -6.13
N LEU A 528 2.11 6.39 -7.29
CA LEU A 528 1.33 6.14 -8.49
C LEU A 528 1.37 4.67 -8.89
N ARG A 529 2.57 4.07 -8.90
CA ARG A 529 2.69 2.69 -9.28
C ARG A 529 1.95 1.78 -8.30
N HIS A 530 2.07 2.06 -7.00
CA HIS A 530 1.41 1.24 -5.99
C HIS A 530 -0.10 1.28 -6.15
N VAL A 531 -0.65 2.48 -6.32
CA VAL A 531 -2.11 2.61 -6.47
C VAL A 531 -2.57 1.88 -7.72
N SER A 532 -1.86 2.05 -8.84
CA SER A 532 -2.26 1.40 -10.07
C SER A 532 -2.26 -0.12 -9.94
N VAL A 533 -1.17 -0.67 -9.41
CA VAL A 533 -1.05 -2.12 -9.30
C VAL A 533 -2.11 -2.68 -8.35
N TYR A 534 -2.31 -2.01 -7.21
CA TYR A 534 -3.23 -2.56 -6.21
C TYR A 534 -4.67 -2.45 -6.68
N GLY A 535 -5.02 -1.37 -7.38
CA GLY A 535 -6.33 -1.30 -7.99
C GLY A 535 -6.55 -2.36 -9.05
N SER A 536 -5.53 -2.62 -9.87
CA SER A 536 -5.65 -3.66 -10.89
C SER A 536 -5.87 -5.03 -10.27
N VAL A 537 -5.13 -5.35 -9.19
CA VAL A 537 -5.31 -6.64 -8.53
C VAL A 537 -6.68 -6.73 -7.91
N TYR A 538 -7.16 -5.66 -7.28
CA TYR A 538 -8.50 -5.64 -6.71
C TYR A 538 -9.56 -5.91 -7.76
N ALA A 539 -9.47 -5.23 -8.91
CA ALA A 539 -10.46 -5.40 -9.97
C ALA A 539 -10.40 -6.81 -10.56
N ILE A 540 -9.20 -7.36 -10.75
CA ILE A 540 -9.07 -8.71 -11.28
C ILE A 540 -9.67 -9.73 -10.33
N ALA A 541 -9.40 -9.58 -9.02
CA ALA A 541 -10.00 -10.48 -8.05
C ALA A 541 -11.52 -10.39 -8.09
N ASP A 542 -12.05 -9.18 -8.18
CA ASP A 542 -13.51 -9.02 -8.21
C ASP A 542 -14.12 -9.69 -9.45
N VAL A 543 -13.52 -9.46 -10.63
CA VAL A 543 -14.11 -10.02 -11.85
C VAL A 543 -13.95 -11.54 -11.87
N ALA A 544 -12.85 -12.06 -11.33
CA ALA A 544 -12.69 -13.51 -11.27
C ALA A 544 -13.69 -14.13 -10.30
N PHE A 545 -13.95 -13.46 -9.18
CA PHE A 545 -14.93 -13.97 -8.22
C PHE A 545 -16.34 -13.92 -8.79
N CYS A 546 -16.62 -12.92 -9.63
CA CYS A 546 -17.99 -12.76 -10.16
C CYS A 546 -18.38 -13.95 -11.04
N MET A 547 -17.46 -14.44 -11.87
CA MET A 547 -17.77 -15.57 -12.74
C MET A 547 -18.12 -16.80 -11.92
N GLY A 548 -19.17 -17.49 -12.33
CA GLY A 548 -19.62 -18.69 -11.64
C GLY A 548 -20.91 -18.48 -10.87
N ILE A 563 -9.57 -16.39 -18.34
CA ILE A 563 -8.36 -17.01 -18.88
C ILE A 563 -7.30 -15.95 -19.15
N GLY A 564 -6.06 -16.39 -19.31
CA GLY A 564 -4.96 -15.48 -19.58
C GLY A 564 -4.09 -15.23 -18.37
N PHE A 565 -2.79 -15.47 -18.50
CA PHE A 565 -1.86 -15.29 -17.40
C PHE A 565 -0.81 -14.26 -17.77
N PRO A 566 -0.91 -13.02 -17.29
CA PRO A 566 0.12 -12.02 -17.60
C PRO A 566 1.45 -12.41 -16.98
N TRP A 567 2.53 -12.01 -17.65
CA TRP A 567 3.88 -12.35 -17.22
C TRP A 567 4.59 -11.21 -16.52
N LEU A 568 4.64 -10.03 -17.14
CA LEU A 568 5.36 -8.91 -16.55
C LEU A 568 4.59 -8.32 -15.36
N MET A 569 3.27 -8.35 -15.40
CA MET A 569 2.49 -7.83 -14.29
C MET A 569 2.71 -8.64 -13.02
N THR A 570 2.99 -9.94 -13.15
CA THR A 570 3.32 -10.75 -11.98
C THR A 570 4.61 -10.27 -11.33
N ILE A 571 5.64 -9.97 -12.14
CA ILE A 571 6.89 -9.46 -11.61
C ILE A 571 6.67 -8.11 -10.93
N ILE A 572 5.89 -7.24 -11.56
CA ILE A 572 5.62 -5.93 -10.96
C ILE A 572 4.91 -6.10 -9.63
N GLY A 573 3.92 -7.00 -9.56
CA GLY A 573 3.22 -7.23 -8.32
C GLY A 573 4.11 -7.76 -7.22
N ILE A 574 5.00 -8.70 -7.56
CA ILE A 574 5.92 -9.26 -6.57
C ILE A 574 6.82 -8.15 -6.01
N ILE A 575 7.40 -7.35 -6.91
CA ILE A 575 8.28 -6.26 -6.48
C ILE A 575 7.51 -5.28 -5.60
N ASP A 576 6.29 -4.95 -5.99
CA ASP A 576 5.49 -4.00 -5.22
C ASP A 576 5.20 -4.54 -3.82
N ILE A 577 4.67 -5.76 -3.73
CA ILE A 577 4.45 -6.40 -2.43
C ILE A 577 5.69 -6.29 -1.56
N LEU A 578 6.83 -6.75 -2.07
CA LEU A 578 8.00 -6.87 -1.20
C LEU A 578 8.56 -5.52 -0.79
N PHE A 579 8.54 -4.52 -1.67
CA PHE A 579 9.35 -3.33 -1.42
C PHE A 579 8.57 -2.03 -1.28
N ALA A 580 7.24 -2.02 -1.43
CA ALA A 580 6.52 -0.79 -1.14
C ALA A 580 6.22 -0.60 0.34
N PRO A 581 5.74 -1.60 1.10
CA PRO A 581 5.62 -1.40 2.55
C PRO A 581 6.92 -1.02 3.22
N LEU A 582 8.04 -1.60 2.78
CA LEU A 582 9.34 -1.25 3.34
C LEU A 582 9.69 0.20 3.05
N CYS A 583 9.38 0.68 1.83
CA CYS A 583 9.73 2.05 1.45
C CYS A 583 8.90 3.06 2.22
N PHE A 584 7.62 2.77 2.43
CA PHE A 584 6.74 3.70 3.15
C PHE A 584 7.16 3.82 4.61
N ARG B 16 23.76 -3.61 21.00
CA ARG B 16 24.81 -4.58 20.70
C ARG B 16 24.22 -5.95 20.34
N HIS B 17 24.64 -6.98 21.09
CA HIS B 17 24.15 -8.33 20.84
C HIS B 17 22.66 -8.44 21.12
N SER B 18 22.18 -7.77 22.17
CA SER B 18 20.77 -7.84 22.53
C SER B 18 19.89 -7.25 21.45
N ARG B 19 20.33 -6.14 20.83
CA ARG B 19 19.55 -5.53 19.77
C ARG B 19 19.40 -6.49 18.58
N LYS B 20 20.49 -7.15 18.20
CA LYS B 20 20.42 -8.11 17.10
C LYS B 20 19.52 -9.28 17.46
N LEU B 21 19.59 -9.75 18.70
CA LEU B 21 18.71 -10.84 19.13
C LEU B 21 17.25 -10.45 19.05
N VAL B 22 16.92 -9.23 19.52
CA VAL B 22 15.53 -8.77 19.47
C VAL B 22 15.07 -8.64 18.02
N LEU B 23 15.92 -8.10 17.15
CA LEU B 23 15.55 -7.97 15.74
C LEU B 23 15.29 -9.33 15.12
N PHE B 24 16.15 -10.31 15.40
CA PHE B 24 15.94 -11.65 14.86
C PHE B 24 14.64 -12.26 15.35
N ILE B 25 14.36 -12.11 16.65
CA ILE B 25 13.13 -12.67 17.22
C ILE B 25 11.91 -12.06 16.56
N VAL B 26 11.88 -10.74 16.45
CA VAL B 26 10.71 -10.07 15.87
C VAL B 26 10.55 -10.43 14.40
N PHE B 27 11.66 -10.49 13.66
CA PHE B 27 11.60 -10.87 12.25
C PHE B 27 11.00 -12.26 12.08
N LEU B 28 11.48 -13.22 12.88
CA LEU B 28 10.95 -14.57 12.77
C LEU B 28 9.48 -14.62 13.16
N ALA B 29 9.08 -13.86 14.19
CA ALA B 29 7.69 -13.86 14.61
C ALA B 29 6.78 -13.37 13.49
N LEU B 30 7.14 -12.24 12.86
CA LEU B 30 6.31 -11.71 11.77
C LEU B 30 6.28 -12.65 10.58
N LEU B 31 7.43 -13.24 10.24
CA LEU B 31 7.48 -14.18 9.13
C LEU B 31 6.56 -15.37 9.37
N LEU B 32 6.60 -15.92 10.58
CA LEU B 32 5.74 -17.06 10.91
C LEU B 32 4.27 -16.65 10.92
N ASP B 33 3.97 -15.43 11.36
CA ASP B 33 2.60 -14.93 11.32
C ASP B 33 2.05 -14.98 9.90
N ASN B 34 2.76 -14.37 8.95
CA ASN B 34 2.22 -14.35 7.59
C ASN B 34 2.25 -15.72 6.93
N MET B 35 3.27 -16.54 7.22
CA MET B 35 3.29 -17.90 6.69
C MET B 35 2.07 -18.68 7.17
N LEU B 36 1.71 -18.53 8.45
CA LEU B 36 0.52 -19.20 8.96
C LEU B 36 -0.74 -18.66 8.28
N LEU B 37 -0.76 -17.37 7.98
CA LEU B 37 -1.93 -16.81 7.31
C LEU B 37 -2.12 -17.42 5.92
N THR B 38 -1.04 -17.54 5.14
CA THR B 38 -1.19 -17.80 3.72
C THR B 38 -1.01 -19.27 3.31
N VAL B 39 -0.40 -20.10 4.17
CA VAL B 39 0.01 -21.44 3.76
C VAL B 39 -1.16 -22.32 3.33
N VAL B 40 -2.40 -21.97 3.67
CA VAL B 40 -3.53 -22.84 3.42
C VAL B 40 -3.98 -22.84 1.97
N VAL B 41 -3.47 -21.93 1.14
CA VAL B 41 -3.99 -21.77 -0.22
C VAL B 41 -3.86 -23.04 -1.05
N PRO B 42 -2.69 -23.70 -1.14
CA PRO B 42 -2.60 -24.90 -1.98
C PRO B 42 -3.46 -26.06 -1.50
N ILE B 43 -3.86 -26.08 -0.22
CA ILE B 43 -4.65 -27.18 0.32
C ILE B 43 -6.14 -27.01 0.06
N ILE B 44 -6.57 -25.82 -0.40
CA ILE B 44 -8.01 -25.56 -0.55
C ILE B 44 -8.69 -26.56 -1.49
N PRO B 45 -8.15 -26.86 -2.68
CA PRO B 45 -8.84 -27.83 -3.54
C PRO B 45 -8.99 -29.21 -2.90
N SER B 46 -8.02 -29.64 -2.09
CA SER B 46 -8.15 -30.93 -1.42
C SER B 46 -9.34 -30.94 -0.46
N TYR B 47 -9.51 -29.86 0.31
CA TYR B 47 -10.69 -29.76 1.17
C TYR B 47 -11.96 -29.69 0.35
N LEU B 48 -11.91 -29.00 -0.80
CA LEU B 48 -13.10 -28.85 -1.63
C LEU B 48 -13.57 -30.19 -2.19
N TYR B 49 -12.66 -31.16 -2.32
CA TYR B 49 -12.96 -32.48 -2.87
C TYR B 49 -13.53 -32.38 -4.28
N GLN B 133 -18.51 -21.27 2.19
CA GLN B 133 -17.88 -21.85 3.37
C GLN B 133 -16.37 -21.64 3.36
N VAL B 134 -15.77 -21.72 2.18
CA VAL B 134 -14.32 -21.60 2.07
C VAL B 134 -13.88 -20.16 2.35
N GLY B 135 -14.64 -19.18 1.86
CA GLY B 135 -14.25 -17.80 2.05
C GLY B 135 -14.19 -17.38 3.50
N LEU B 136 -15.21 -17.77 4.27
CA LEU B 136 -15.22 -17.44 5.70
C LEU B 136 -14.08 -18.14 6.43
N LEU B 137 -13.83 -19.42 6.09
CA LEU B 137 -12.73 -20.15 6.71
C LEU B 137 -11.39 -19.49 6.41
N PHE B 138 -11.24 -18.92 5.21
CA PHE B 138 -9.99 -18.25 4.86
C PHE B 138 -9.87 -16.90 5.56
N ALA B 139 -10.94 -16.12 5.63
CA ALA B 139 -10.86 -14.76 6.13
C ALA B 139 -11.06 -14.63 7.63
N SER B 140 -11.34 -15.73 8.33
CA SER B 140 -11.58 -15.65 9.77
C SER B 140 -10.35 -15.10 10.52
N LYS B 141 -9.17 -15.59 10.19
CA LYS B 141 -7.96 -15.17 10.89
C LYS B 141 -7.70 -13.67 10.67
N ALA B 142 -7.81 -13.22 9.43
CA ALA B 142 -7.58 -11.81 9.13
C ALA B 142 -8.59 -10.92 9.83
N THR B 143 -9.87 -11.31 9.82
CA THR B 143 -10.89 -10.51 10.48
C THR B 143 -10.63 -10.41 11.98
N VAL B 144 -10.32 -11.55 12.61
CA VAL B 144 -10.09 -11.56 14.05
C VAL B 144 -8.90 -10.69 14.41
N GLN B 145 -7.79 -10.83 13.67
CA GLN B 145 -6.60 -10.04 13.96
C GLN B 145 -6.86 -8.55 13.79
N LEU B 146 -7.54 -8.17 12.70
CA LEU B 146 -7.81 -6.77 12.46
C LEU B 146 -8.76 -6.19 13.49
N LEU B 147 -9.63 -7.02 14.07
CA LEU B 147 -10.50 -6.54 15.14
C LEU B 147 -9.75 -6.39 16.46
N THR B 148 -8.83 -7.31 16.76
CA THR B 148 -8.25 -7.39 18.09
C THR B 148 -6.89 -6.71 18.23
N ASN B 149 -6.36 -6.10 17.17
CA ASN B 149 -5.08 -5.41 17.32
C ASN B 149 -5.08 -4.28 18.35
N PRO B 150 -6.02 -3.32 18.32
CA PRO B 150 -5.92 -2.17 19.25
C PRO B 150 -5.97 -2.55 20.72
N PHE B 151 -6.75 -3.57 21.10
CA PHE B 151 -6.79 -3.98 22.49
C PHE B 151 -5.43 -4.47 22.96
N ILE B 152 -4.75 -5.26 22.12
CA ILE B 152 -3.40 -5.71 22.46
C ILE B 152 -2.45 -4.52 22.54
N GLY B 153 -2.64 -3.52 21.67
CA GLY B 153 -1.81 -2.33 21.77
C GLY B 153 -1.96 -1.63 23.11
N LEU B 154 -3.21 -1.44 23.55
CA LEU B 154 -3.46 -0.80 24.84
C LEU B 154 -2.91 -1.64 25.99
N LEU B 155 -3.09 -2.96 25.91
CA LEU B 155 -2.59 -3.84 26.97
C LEU B 155 -1.07 -3.76 27.08
N THR B 156 -0.37 -3.76 25.94
CA THR B 156 1.08 -3.63 25.98
C THR B 156 1.51 -2.25 26.49
N ASN B 157 0.76 -1.21 26.15
CA ASN B 157 1.05 0.11 26.70
C ASN B 157 0.93 0.10 28.23
N ARG B 158 -0.07 -0.62 28.75
CA ARG B 158 -0.29 -0.63 30.20
C ARG B 158 0.73 -1.50 30.92
N ILE B 159 0.76 -2.80 30.61
CA ILE B 159 1.58 -3.74 31.36
C ILE B 159 3.02 -3.70 30.91
N GLY B 160 3.26 -4.05 29.65
CA GLY B 160 4.61 -4.15 29.13
C GLY B 160 4.67 -5.09 27.96
N TYR B 161 5.83 -5.10 27.31
CA TYR B 161 6.07 -5.86 26.07
C TYR B 161 6.36 -7.34 26.25
N PRO B 162 7.26 -7.75 27.16
CA PRO B 162 7.68 -9.17 27.14
C PRO B 162 6.59 -10.17 27.48
N ILE B 163 5.64 -9.81 28.32
CA ILE B 163 4.61 -10.76 28.77
C ILE B 163 3.69 -11.19 27.63
N PRO B 164 3.10 -10.27 26.84
CA PRO B 164 2.18 -10.72 25.79
C PRO B 164 2.81 -11.62 24.73
N MET B 165 4.10 -11.46 24.43
CA MET B 165 4.70 -12.26 23.36
C MET B 165 4.69 -13.75 23.70
N PHE B 166 4.97 -14.10 24.95
CA PHE B 166 5.03 -15.52 25.30
C PHE B 166 3.66 -16.17 25.22
N THR B 167 2.62 -15.50 25.72
CA THR B 167 1.29 -16.08 25.62
C THR B 167 0.81 -16.11 24.17
N GLY B 168 1.24 -15.15 23.36
CA GLY B 168 0.93 -15.23 21.93
C GLY B 168 1.58 -16.42 21.26
N PHE B 169 2.85 -16.69 21.59
CA PHE B 169 3.53 -17.86 21.05
C PHE B 169 2.85 -19.15 21.47
N CYS B 170 2.47 -19.24 22.75
CA CYS B 170 1.80 -20.44 23.23
C CYS B 170 0.46 -20.64 22.53
N ILE B 171 -0.31 -19.57 22.37
CA ILE B 171 -1.61 -19.66 21.69
C ILE B 171 -1.41 -20.10 20.24
N MET B 172 -0.42 -19.52 19.56
CA MET B 172 -0.15 -19.92 18.18
C MET B 172 0.19 -21.39 18.08
N PHE B 173 1.07 -21.87 18.98
CA PHE B 173 1.46 -23.27 18.93
C PHE B 173 0.26 -24.20 19.15
N ILE B 174 -0.52 -23.92 20.18
CA ILE B 174 -1.66 -24.79 20.50
C ILE B 174 -2.67 -24.78 19.37
N SER B 175 -2.98 -23.59 18.84
CA SER B 175 -3.98 -23.50 17.78
C SER B 175 -3.50 -24.16 16.50
N THR B 176 -2.21 -24.02 16.17
CA THR B 176 -1.68 -24.67 14.98
C THR B 176 -1.77 -26.19 15.10
N VAL B 177 -1.42 -26.73 16.28
CA VAL B 177 -1.52 -28.18 16.46
C VAL B 177 -2.98 -28.63 16.34
N MET B 178 -3.90 -27.90 16.98
CA MET B 178 -5.31 -28.27 16.92
C MET B 178 -5.83 -28.24 15.49
N PHE B 179 -5.45 -27.21 14.72
CA PHE B 179 -5.84 -27.13 13.32
C PHE B 179 -5.27 -28.29 12.53
N ALA B 180 -4.02 -28.68 12.85
CA ALA B 180 -3.41 -29.80 12.14
C ALA B 180 -4.17 -31.09 12.37
N PHE B 181 -4.60 -31.35 13.60
CA PHE B 181 -5.22 -32.63 13.93
C PHE B 181 -6.74 -32.61 13.86
N SER B 182 -7.36 -31.51 13.47
CA SER B 182 -8.81 -31.45 13.43
C SER B 182 -9.34 -31.92 12.08
N ARG B 183 -10.63 -32.31 12.08
CA ARG B 183 -11.29 -32.79 10.87
C ARG B 183 -12.67 -32.17 10.62
N SER B 184 -13.24 -31.45 11.59
CA SER B 184 -14.57 -30.91 11.48
C SER B 184 -14.53 -29.42 11.18
N TYR B 185 -15.59 -28.93 10.54
CA TYR B 185 -15.63 -27.53 10.09
C TYR B 185 -15.57 -26.57 11.28
N ALA B 186 -16.35 -26.84 12.32
CA ALA B 186 -16.37 -25.96 13.49
C ALA B 186 -15.03 -25.93 14.18
N PHE B 187 -14.39 -27.09 14.33
CA PHE B 187 -13.07 -27.14 14.96
C PHE B 187 -12.04 -26.37 14.14
N LEU B 188 -12.10 -26.51 12.81
CA LEU B 188 -11.18 -25.75 11.95
C LEU B 188 -11.38 -24.26 12.12
N LEU B 189 -12.63 -23.81 12.15
CA LEU B 189 -12.90 -22.38 12.31
C LEU B 189 -12.41 -21.88 13.67
N PHE B 190 -12.65 -22.65 14.73
CA PHE B 190 -12.21 -22.25 16.06
C PHE B 190 -10.69 -22.16 16.14
N ALA B 191 -10.00 -23.15 15.54
CA ALA B 191 -8.55 -23.12 15.53
C ALA B 191 -8.03 -21.92 14.74
N ARG B 192 -8.68 -21.60 13.63
CA ARG B 192 -8.28 -20.45 12.83
C ARG B 192 -8.41 -19.16 13.64
N SER B 193 -9.52 -19.01 14.37
CA SER B 193 -9.70 -17.80 15.19
C SER B 193 -8.67 -17.72 16.30
N LEU B 194 -8.36 -18.85 16.95
CA LEU B 194 -7.33 -18.85 17.98
C LEU B 194 -5.97 -18.46 17.41
N GLN B 195 -5.64 -18.99 16.23
CA GLN B 195 -4.43 -18.57 15.52
C GLN B 195 -4.43 -17.07 15.30
N GLY B 196 -5.58 -16.52 14.90
CA GLY B 196 -5.64 -15.09 14.65
C GLY B 196 -5.33 -14.26 15.88
N ILE B 197 -5.94 -14.62 17.02
CA ILE B 197 -5.69 -13.87 18.26
C ILE B 197 -4.23 -13.98 18.66
N GLY B 198 -3.67 -15.20 18.63
CA GLY B 198 -2.29 -15.37 19.04
C GLY B 198 -1.32 -14.61 18.16
N SER B 199 -1.53 -14.67 16.84
CA SER B 199 -0.65 -13.99 15.92
C SER B 199 -0.73 -12.48 16.08
N SER B 200 -1.95 -11.94 16.26
CA SER B 200 -2.09 -10.51 16.48
C SER B 200 -1.33 -10.06 17.71
N CYS B 201 -1.51 -10.79 18.83
CA CYS B 201 -0.84 -10.41 20.06
C CYS B 201 0.68 -10.45 19.90
N SER B 202 1.19 -11.54 19.34
CA SER B 202 2.65 -11.67 19.18
C SER B 202 3.21 -10.58 18.29
N SER B 203 2.55 -10.33 17.15
CA SER B 203 3.07 -9.34 16.21
C SER B 203 3.09 -7.95 16.82
N VAL B 204 1.98 -7.54 17.44
CA VAL B 204 1.92 -6.18 17.99
C VAL B 204 2.94 -6.00 19.11
N ALA B 205 3.01 -6.98 20.02
CA ALA B 205 3.96 -6.83 21.13
C ALA B 205 5.40 -6.83 20.65
N GLY B 206 5.74 -7.71 19.71
CA GLY B 206 7.11 -7.74 19.21
C GLY B 206 7.49 -6.46 18.49
N MET B 207 6.59 -5.93 17.65
CA MET B 207 6.87 -4.68 16.97
C MET B 207 7.05 -3.55 17.98
N GLY B 208 6.22 -3.52 19.03
CA GLY B 208 6.36 -2.51 20.05
C GLY B 208 7.72 -2.56 20.74
N MET B 209 8.13 -3.77 21.14
CA MET B 209 9.43 -3.89 21.83
C MET B 209 10.57 -3.51 20.90
N LEU B 210 10.51 -3.94 19.64
CA LEU B 210 11.58 -3.60 18.70
C LEU B 210 11.67 -2.09 18.49
N ALA B 211 10.53 -1.42 18.40
CA ALA B 211 10.56 0.04 18.31
C ALA B 211 11.12 0.67 19.58
N SER B 212 10.80 0.08 20.74
CA SER B 212 11.27 0.64 22.01
C SER B 212 12.78 0.54 22.15
N VAL B 213 13.37 -0.58 21.73
CA VAL B 213 14.79 -0.81 21.98
C VAL B 213 15.64 0.21 21.23
N TYR B 214 15.34 0.46 19.97
CA TYR B 214 16.16 1.34 19.13
C TYR B 214 15.82 2.80 19.43
N THR B 215 16.84 3.58 19.79
CA THR B 215 16.66 4.99 20.12
C THR B 215 17.01 5.91 18.95
N ASP B 216 18.13 5.63 18.28
CA ASP B 216 18.55 6.45 17.15
C ASP B 216 17.55 6.36 16.02
N ASP B 217 17.29 7.50 15.38
CA ASP B 217 16.20 7.58 14.40
C ASP B 217 16.47 6.71 13.18
N GLU B 218 17.66 6.81 12.60
CA GLU B 218 17.95 6.07 11.38
C GLU B 218 18.04 4.57 11.64
N GLU B 219 18.61 4.17 12.78
CA GLU B 219 18.61 2.76 13.15
C GLU B 219 17.20 2.25 13.39
N ARG B 220 16.34 3.06 14.03
CA ARG B 220 14.96 2.68 14.21
C ARG B 220 14.25 2.49 12.88
N GLY B 221 14.50 3.38 11.92
CA GLY B 221 13.93 3.23 10.60
C GLY B 221 14.41 1.97 9.90
N ASN B 222 15.70 1.67 10.03
CA ASN B 222 16.23 0.44 9.42
C ASN B 222 15.58 -0.80 10.03
N ALA B 223 15.45 -0.82 11.36
CA ALA B 223 14.83 -1.97 12.01
C ALA B 223 13.38 -2.14 11.60
N MET B 224 12.63 -1.03 11.54
CA MET B 224 11.25 -1.09 11.07
C MET B 224 11.18 -1.59 9.64
N GLY B 225 12.10 -1.12 8.79
CA GLY B 225 12.11 -1.59 7.40
C GLY B 225 12.36 -3.08 7.29
N ILE B 226 13.32 -3.60 8.07
CA ILE B 226 13.61 -5.03 8.02
C ILE B 226 12.41 -5.84 8.52
N ALA B 227 11.81 -5.41 9.63
CA ALA B 227 10.67 -6.15 10.17
C ALA B 227 9.50 -6.15 9.20
N LEU B 228 9.17 -5.00 8.61
CA LEU B 228 8.08 -4.96 7.65
C LEU B 228 8.41 -5.72 6.37
N GLY B 229 9.69 -5.76 5.97
CA GLY B 229 10.06 -6.59 4.84
C GLY B 229 9.82 -8.06 5.09
N GLY B 230 10.19 -8.54 6.28
CA GLY B 230 9.86 -9.92 6.63
C GLY B 230 8.37 -10.17 6.66
N LEU B 231 7.61 -9.26 7.26
CA LEU B 231 6.15 -9.37 7.27
C LEU B 231 5.59 -9.47 5.87
N ALA B 232 6.11 -8.66 4.94
CA ALA B 232 5.56 -8.62 3.59
C ALA B 232 5.96 -9.85 2.79
N MET B 233 7.17 -10.36 2.99
CA MET B 233 7.63 -11.50 2.21
C MET B 233 7.17 -12.83 2.76
N GLY B 234 6.62 -12.86 3.98
CA GLY B 234 6.02 -14.09 4.47
C GLY B 234 4.90 -14.59 3.57
N VAL B 235 4.09 -13.68 3.04
CA VAL B 235 2.95 -14.09 2.23
C VAL B 235 3.39 -14.73 0.91
N LEU B 236 4.53 -14.29 0.35
CA LEU B 236 5.03 -14.95 -0.85
C LEU B 236 5.71 -16.27 -0.52
N VAL B 237 6.45 -16.35 0.59
CA VAL B 237 7.13 -17.61 0.88
C VAL B 237 6.16 -18.68 1.36
N GLY B 238 4.96 -18.30 1.79
CA GLY B 238 3.99 -19.26 2.27
C GLY B 238 3.62 -20.38 1.32
N PRO B 239 2.94 -20.06 0.22
CA PRO B 239 2.33 -21.10 -0.63
C PRO B 239 3.34 -22.08 -1.21
N PRO B 240 4.50 -21.64 -1.74
CA PRO B 240 5.43 -22.64 -2.28
C PRO B 240 5.94 -23.62 -1.23
N PHE B 241 6.33 -23.11 -0.06
CA PHE B 241 6.78 -23.94 1.04
C PHE B 241 5.70 -24.94 1.44
N GLY B 242 4.48 -24.46 1.62
CA GLY B 242 3.39 -25.34 1.99
C GLY B 242 3.12 -26.41 0.94
N SER B 243 3.10 -26.02 -0.33
CA SER B 243 2.81 -26.97 -1.40
C SER B 243 3.90 -28.03 -1.51
N VAL B 244 5.17 -27.63 -1.42
CA VAL B 244 6.24 -28.62 -1.57
C VAL B 244 6.23 -29.60 -0.41
N LEU B 245 6.05 -29.12 0.83
CA LEU B 245 5.97 -30.07 1.93
C LEU B 245 4.74 -30.96 1.83
N TYR B 246 3.61 -30.39 1.41
CA TYR B 246 2.38 -31.18 1.31
C TYR B 246 2.51 -32.29 0.27
N GLU B 247 3.17 -32.01 -0.85
CA GLU B 247 3.19 -32.98 -1.94
C GLU B 247 4.37 -33.95 -1.86
N PHE B 248 5.45 -33.59 -1.17
CA PHE B 248 6.51 -34.60 -0.94
C PHE B 248 6.20 -35.49 0.25
N VAL B 249 6.12 -34.90 1.45
CA VAL B 249 6.06 -35.68 2.68
C VAL B 249 4.74 -35.41 3.41
N GLY B 250 3.97 -36.46 3.64
CA GLY B 250 2.83 -36.39 4.52
C GLY B 250 1.68 -35.51 4.03
N LYS B 251 0.76 -35.27 4.94
CA LYS B 251 -0.42 -34.44 4.76
C LYS B 251 -0.47 -33.27 5.73
N THR B 252 -0.03 -33.47 6.97
CA THR B 252 -0.04 -32.42 7.98
C THR B 252 1.38 -31.96 8.31
N ALA B 253 2.34 -32.20 7.42
CA ALA B 253 3.72 -31.80 7.69
C ALA B 253 3.91 -30.29 7.81
N PRO B 254 3.38 -29.44 6.92
CA PRO B 254 3.65 -28.00 7.05
C PRO B 254 3.18 -27.42 8.38
N PHE B 255 2.03 -27.85 8.88
CA PHE B 255 1.53 -27.33 10.15
C PHE B 255 2.46 -27.71 11.29
N LEU B 256 2.93 -28.96 11.32
CA LEU B 256 3.86 -29.38 12.37
C LEU B 256 5.19 -28.65 12.27
N VAL B 257 5.67 -28.41 11.05
CA VAL B 257 6.92 -27.68 10.88
C VAL B 257 6.78 -26.25 11.39
N LEU B 258 5.65 -25.59 11.07
CA LEU B 258 5.43 -24.24 11.56
C LEU B 258 5.30 -24.21 13.08
N ALA B 259 4.64 -25.21 13.65
CA ALA B 259 4.54 -25.30 15.12
C ALA B 259 5.92 -25.48 15.75
N ALA B 260 6.77 -26.31 15.13
CA ALA B 260 8.12 -26.49 15.64
C ALA B 260 8.92 -25.20 15.58
N LEU B 261 8.79 -24.45 14.48
CA LEU B 261 9.48 -23.16 14.38
C LEU B 261 8.99 -22.19 15.44
N VAL B 262 7.67 -22.17 15.69
CA VAL B 262 7.12 -21.30 16.72
C VAL B 262 7.70 -21.67 18.08
N LEU B 263 7.75 -22.97 18.38
CA LEU B 263 8.28 -23.43 19.66
C LEU B 263 9.75 -23.06 19.81
N LEU B 264 10.54 -23.23 18.74
CA LEU B 264 11.96 -22.89 18.81
C LEU B 264 12.16 -21.39 19.03
N ASP B 265 11.37 -20.56 18.35
CA ASP B 265 11.50 -19.12 18.55
C ASP B 265 11.11 -18.72 19.96
N GLY B 266 10.05 -19.33 20.50
CA GLY B 266 9.66 -19.06 21.87
C GLY B 266 10.74 -19.46 22.87
N ALA B 267 11.37 -20.62 22.65
CA ALA B 267 12.45 -21.04 23.52
C ALA B 267 13.64 -20.10 23.46
N ILE B 268 13.99 -19.64 22.25
CA ILE B 268 15.08 -18.67 22.11
C ILE B 268 14.75 -17.39 22.85
N GLN B 269 13.50 -16.92 22.73
CA GLN B 269 13.09 -15.71 23.46
C GLN B 269 13.18 -15.92 24.96
N LEU B 270 12.77 -17.09 25.45
CA LEU B 270 12.73 -17.32 26.88
C LEU B 270 14.13 -17.44 27.48
N PHE B 271 15.01 -18.21 26.87
CA PHE B 271 16.28 -18.55 27.50
C PHE B 271 17.39 -17.55 27.16
N VAL B 272 17.71 -17.41 25.88
CA VAL B 272 18.88 -16.63 25.48
C VAL B 272 18.71 -15.15 25.82
N LEU B 273 17.52 -14.62 25.55
CA LEU B 273 17.28 -13.20 25.81
C LEU B 273 17.33 -12.92 27.31
N GLN B 274 18.00 -11.83 27.68
CA GLN B 274 18.14 -11.44 29.07
C GLN B 274 17.78 -9.97 29.28
N TYR B 296 -12.77 -8.66 37.67
CA TYR B 296 -11.32 -8.79 37.54
C TYR B 296 -10.91 -8.59 36.09
N ILE B 297 -9.63 -8.28 35.87
CA ILE B 297 -9.15 -8.01 34.51
C ILE B 297 -9.15 -9.28 33.68
N LEU B 298 -8.94 -10.44 34.32
CA LEU B 298 -8.87 -11.69 33.58
C LEU B 298 -10.20 -12.01 32.91
N ILE B 299 -11.32 -11.81 33.61
CA ILE B 299 -12.62 -12.07 33.01
C ILE B 299 -12.89 -11.08 31.88
N ALA B 300 -12.40 -9.85 32.02
CA ALA B 300 -12.55 -8.88 30.94
C ALA B 300 -11.78 -9.32 29.70
N ALA B 301 -10.56 -9.80 29.88
CA ALA B 301 -9.78 -10.29 28.75
C ALA B 301 -10.45 -11.49 28.09
N GLY B 302 -10.97 -12.41 28.91
CA GLY B 302 -11.69 -13.54 28.36
C GLY B 302 -12.91 -13.13 27.57
N SER B 303 -13.67 -12.16 28.09
CA SER B 303 -14.85 -11.66 27.38
C SER B 303 -14.46 -11.01 26.07
N ILE B 304 -13.38 -10.23 26.07
CA ILE B 304 -12.92 -9.57 24.84
C ILE B 304 -12.55 -10.62 23.80
N CYS B 305 -11.77 -11.63 24.20
CA CYS B 305 -11.36 -12.66 23.27
C CYS B 305 -12.56 -13.41 22.71
N PHE B 306 -13.51 -13.78 23.58
CA PHE B 306 -14.67 -14.53 23.12
C PHE B 306 -15.55 -13.69 22.19
N ALA B 307 -15.71 -12.40 22.48
CA ALA B 307 -16.49 -11.54 21.60
C ALA B 307 -15.83 -11.39 20.24
N ASN B 308 -14.51 -11.22 20.21
CA ASN B 308 -13.81 -11.10 18.94
C ASN B 308 -13.89 -12.39 18.14
N MET B 309 -13.83 -13.54 18.82
CA MET B 309 -14.06 -14.80 18.12
C MET B 309 -15.47 -14.89 17.56
N GLY B 310 -16.47 -14.52 18.37
CA GLY B 310 -17.85 -14.69 17.96
C GLY B 310 -18.23 -13.78 16.80
N ILE B 311 -17.67 -12.58 16.76
CA ILE B 311 -18.01 -11.65 15.67
C ILE B 311 -17.62 -12.23 14.33
N ALA B 312 -16.42 -12.81 14.23
CA ALA B 312 -15.93 -13.34 12.96
C ALA B 312 -16.27 -14.80 12.74
N MET B 313 -16.80 -15.50 13.74
CA MET B 313 -17.10 -16.93 13.57
C MET B 313 -18.42 -17.15 12.85
N LEU B 314 -19.41 -16.30 13.08
CA LEU B 314 -20.76 -16.48 12.53
C LEU B 314 -21.10 -15.32 11.61
N GLU B 315 -21.51 -15.63 10.38
CA GLU B 315 -21.90 -14.64 9.38
C GLU B 315 -22.88 -15.23 8.37
N PRO B 316 -24.12 -14.74 8.31
CA PRO B 316 -25.03 -15.15 7.23
C PRO B 316 -24.94 -14.21 6.04
N ALA B 317 -25.37 -14.67 4.86
CA ALA B 317 -25.22 -13.88 3.64
C ALA B 317 -26.45 -13.87 2.73
N LEU B 318 -27.41 -14.77 2.95
CA LEU B 318 -28.58 -14.90 2.09
C LEU B 318 -28.20 -15.08 0.61
N PRO B 319 -27.50 -16.17 0.27
CA PRO B 319 -27.01 -16.32 -1.11
C PRO B 319 -28.09 -16.70 -2.11
N ILE B 320 -29.34 -16.89 -1.67
CA ILE B 320 -30.40 -17.34 -2.57
C ILE B 320 -30.67 -16.30 -3.66
N TRP B 321 -30.76 -15.03 -3.26
CA TRP B 321 -31.04 -13.94 -4.19
C TRP B 321 -29.92 -12.93 -4.27
N MET B 322 -28.95 -12.99 -3.36
CA MET B 322 -27.84 -12.04 -3.39
C MET B 322 -26.92 -12.28 -4.58
N MET B 323 -26.67 -13.56 -4.91
CA MET B 323 -25.77 -13.88 -6.02
C MET B 323 -26.27 -13.32 -7.33
N GLU B 324 -27.55 -13.54 -7.64
CA GLU B 324 -28.13 -12.96 -8.85
C GLU B 324 -28.08 -11.44 -8.79
N THR B 325 -28.14 -10.87 -7.59
CA THR B 325 -28.09 -9.43 -7.46
C THR B 325 -26.73 -8.86 -7.84
N MET B 326 -25.64 -9.41 -7.29
CA MET B 326 -24.35 -8.79 -7.61
C MET B 326 -23.89 -9.16 -9.00
N CYS B 327 -24.18 -10.38 -9.47
CA CYS B 327 -23.64 -10.77 -10.77
C CYS B 327 -24.25 -9.95 -11.90
N SER B 328 -25.57 -9.77 -11.87
CA SER B 328 -26.25 -9.10 -12.97
C SER B 328 -25.98 -7.60 -12.97
N HIS B 329 -26.16 -6.94 -11.83
CA HIS B 329 -26.06 -5.50 -11.73
C HIS B 329 -25.10 -5.12 -10.60
N LYS B 330 -24.12 -4.28 -10.92
CA LYS B 330 -23.13 -3.88 -9.94
C LYS B 330 -23.39 -2.52 -9.31
N TRP B 331 -24.22 -1.68 -9.95
CA TRP B 331 -24.51 -0.36 -9.40
C TRP B 331 -25.23 -0.46 -8.06
N GLN B 332 -26.10 -1.45 -7.90
CA GLN B 332 -26.73 -1.68 -6.61
C GLN B 332 -25.70 -2.05 -5.55
N LEU B 333 -24.71 -2.87 -5.92
CA LEU B 333 -23.64 -3.21 -5.00
C LEU B 333 -22.87 -1.97 -4.58
N GLY B 334 -22.56 -1.10 -5.55
CA GLY B 334 -21.84 0.12 -5.22
C GLY B 334 -22.62 1.03 -4.30
N VAL B 335 -23.89 1.27 -4.62
CA VAL B 335 -24.67 2.17 -3.77
C VAL B 335 -24.88 1.56 -2.39
N ALA B 336 -24.87 0.23 -2.27
CA ALA B 336 -24.98 -0.38 -0.95
C ALA B 336 -23.69 -0.30 -0.16
N PHE B 337 -22.52 -0.37 -0.82
CA PHE B 337 -21.27 -0.54 -0.10
C PHE B 337 -20.41 0.72 0.05
N LEU B 338 -20.64 1.76 -0.74
CA LEU B 338 -19.81 2.96 -0.61
C LEU B 338 -20.02 3.85 0.63
N PRO B 339 -21.22 3.97 1.21
CA PRO B 339 -21.39 4.92 2.35
C PRO B 339 -20.48 4.65 3.56
N ALA B 340 -19.82 3.49 3.62
CA ALA B 340 -18.85 3.28 4.69
C ALA B 340 -17.72 4.30 4.62
N SER B 341 -17.37 4.74 3.41
CA SER B 341 -16.32 5.74 3.25
C SER B 341 -16.71 7.06 3.91
N ILE B 342 -17.97 7.48 3.77
CA ILE B 342 -18.43 8.69 4.42
C ILE B 342 -18.51 8.49 5.93
N SER B 343 -18.97 7.31 6.36
CA SER B 343 -19.07 7.04 7.78
C SER B 343 -17.71 7.09 8.46
N TYR B 344 -16.66 6.61 7.79
CA TYR B 344 -15.32 6.65 8.35
C TYR B 344 -14.87 8.10 8.61
N LEU B 345 -15.08 8.97 7.62
CA LEU B 345 -14.70 10.37 7.77
C LEU B 345 -15.51 11.04 8.88
N ILE B 346 -16.79 10.72 8.99
CA ILE B 346 -17.60 11.29 10.07
C ILE B 346 -17.07 10.83 11.43
N GLY B 347 -16.76 9.55 11.55
CA GLY B 347 -16.37 9.01 12.85
C GLY B 347 -14.94 9.23 13.25
N THR B 348 -14.09 9.74 12.35
CA THR B 348 -12.70 9.98 12.71
C THR B 348 -12.52 11.11 13.73
N ASN B 349 -13.55 11.92 13.98
CA ASN B 349 -13.42 13.14 14.78
C ASN B 349 -13.84 12.99 16.25
N VAL B 350 -14.28 11.81 16.65
CA VAL B 350 -14.91 11.65 17.97
C VAL B 350 -13.90 11.90 19.08
N PHE B 351 -12.71 11.29 18.97
CA PHE B 351 -11.72 11.45 20.02
C PHE B 351 -11.29 12.90 20.14
N GLY B 352 -11.10 13.59 19.01
CA GLY B 352 -10.75 14.99 19.05
C GLY B 352 -11.79 15.83 19.77
N ILE B 353 -13.07 15.62 19.42
CA ILE B 353 -14.13 16.41 20.04
C ILE B 353 -14.18 16.17 21.55
N LEU B 354 -14.16 14.89 21.96
CA LEU B 354 -14.26 14.58 23.38
C LEU B 354 -13.05 15.09 24.15
N ALA B 355 -11.85 14.96 23.57
CA ALA B 355 -10.65 15.44 24.23
C ALA B 355 -10.68 16.95 24.39
N ARG B 356 -11.15 17.67 23.37
CA ARG B 356 -11.24 19.12 23.49
C ARG B 356 -12.23 19.52 24.59
N ARG B 357 -13.37 18.84 24.66
CA ARG B 357 -14.32 19.13 25.72
C ARG B 357 -13.72 18.89 27.10
N GLN B 358 -13.04 17.75 27.28
CA GLN B 358 -12.47 17.43 28.59
C GLN B 358 -11.37 18.41 28.96
N LEU B 359 -10.55 18.82 28.00
CA LEU B 359 -9.51 19.80 28.28
C LEU B 359 -10.10 21.15 28.67
N ALA B 360 -11.15 21.57 27.98
CA ALA B 360 -11.78 22.86 28.30
C ALA B 360 -12.40 22.84 29.69
N ASP B 361 -13.01 21.71 30.07
CA ASP B 361 -13.73 21.65 31.33
C ASP B 361 -12.79 21.90 32.52
N LEU B 362 -11.61 21.28 32.52
CA LEU B 362 -10.70 21.44 33.64
C LEU B 362 -10.17 22.86 33.74
N GLU B 363 -9.82 23.47 32.60
CA GLU B 363 -9.27 24.82 32.64
C GLU B 363 -10.33 25.83 33.05
N ASP B 364 -11.60 25.60 32.68
CA ASP B 364 -12.66 26.49 33.15
C ASP B 364 -12.77 26.45 34.66
N ASN B 365 -12.66 25.27 35.26
CA ASN B 365 -12.69 25.17 36.72
C ASN B 365 -11.47 25.85 37.32
N TRP B 366 -10.28 25.62 36.75
CA TRP B 366 -9.06 26.12 37.35
C TRP B 366 -8.87 27.62 37.14
N GLU B 367 -9.67 28.24 36.27
CA GLU B 367 -9.55 29.69 36.06
C GLU B 367 -9.77 30.46 37.35
N THR B 368 -10.67 29.97 38.23
CA THR B 368 -10.90 30.64 39.51
C THR B 368 -9.64 30.63 40.37
N LEU B 369 -8.93 29.50 40.42
CA LEU B 369 -7.69 29.44 41.17
C LEU B 369 -6.60 30.24 40.49
N ASN B 370 -6.69 30.42 39.16
CA ASN B 370 -5.68 31.19 38.44
C ASN B 370 -5.67 32.64 38.90
N ASP B 371 -6.83 33.19 39.25
CA ASP B 371 -6.93 34.59 39.68
C ASP B 371 -6.16 34.83 40.97
N GLN B 384 -5.20 39.40 50.69
CA GLN B 384 -6.45 39.18 51.40
C GLN B 384 -7.35 38.20 50.65
N VAL B 385 -7.37 38.32 49.33
CA VAL B 385 -8.17 37.40 48.51
C VAL B 385 -7.55 36.01 48.52
N LYS B 386 -6.23 35.93 48.74
CA LYS B 386 -5.56 34.64 48.74
C LYS B 386 -6.08 33.74 49.86
N ASP B 387 -6.41 34.33 51.01
CA ASP B 387 -7.05 33.57 52.08
C ASP B 387 -8.38 32.99 51.62
N ALA B 388 -9.16 33.78 50.88
CA ALA B 388 -10.41 33.26 50.33
C ALA B 388 -10.17 32.12 49.37
N LEU B 389 -9.13 32.24 48.53
CA LEU B 389 -8.80 31.15 47.62
C LEU B 389 -8.44 29.88 48.37
N THR B 390 -7.65 30.01 49.43
CA THR B 390 -7.32 28.85 50.25
C THR B 390 -8.57 28.26 50.89
N LYS B 391 -9.50 29.11 51.34
CA LYS B 391 -10.72 28.60 51.94
C LYS B 391 -11.58 27.84 50.93
N MET B 392 -11.71 28.35 49.71
CA MET B 392 -12.52 27.63 48.72
C MET B 392 -11.82 26.35 48.27
N ARG B 393 -10.48 26.33 48.32
CA ARG B 393 -9.77 25.08 48.07
C ARG B 393 -10.15 24.02 49.10
N ALA B 394 -10.29 24.42 50.35
CA ALA B 394 -10.69 23.49 51.41
C ALA B 394 -12.16 23.13 51.29
N GLY B 423 -6.09 14.02 50.80
CA GLY B 423 -5.85 15.41 51.09
C GLY B 423 -4.66 15.99 50.35
N PHE B 424 -4.36 15.41 49.18
CA PHE B 424 -3.23 15.88 48.39
C PHE B 424 -3.50 17.28 47.85
N ASP B 425 -4.75 17.57 47.47
CA ASP B 425 -5.10 18.91 47.01
C ASP B 425 -4.96 19.93 48.13
N ILE B 426 -5.31 19.55 49.36
CA ILE B 426 -5.14 20.44 50.50
C ILE B 426 -3.66 20.71 50.74
N LEU B 427 -2.82 19.68 50.62
CA LEU B 427 -1.38 19.86 50.75
C LEU B 427 -0.84 20.78 49.67
N VAL B 428 -1.34 20.64 48.44
CA VAL B 428 -0.94 21.52 47.35
C VAL B 428 -1.30 22.96 47.67
N GLY B 429 -2.54 23.18 48.12
CA GLY B 429 -2.96 24.52 48.47
C GLY B 429 -2.13 25.12 49.59
N GLN B 430 -1.73 24.30 50.56
CA GLN B 430 -0.90 24.78 51.65
C GLN B 430 0.50 25.13 51.17
N ILE B 431 1.10 24.29 50.34
CA ILE B 431 2.48 24.52 49.92
C ILE B 431 2.55 25.66 48.91
N ASP B 432 1.43 25.97 48.25
CA ASP B 432 1.40 27.13 47.36
C ASP B 432 1.62 28.42 48.14
N ASP B 433 1.02 28.54 49.32
CA ASP B 433 1.20 29.72 50.16
C ASP B 433 1.84 29.34 51.49
N LEU B 453 3.27 26.52 42.96
CA LEU B 453 2.92 27.66 42.13
C LEU B 453 2.45 27.22 40.74
N LYS B 454 3.00 27.84 39.70
CA LYS B 454 2.62 27.50 38.34
C LYS B 454 3.02 26.07 37.99
N THR B 455 4.20 25.64 38.45
CA THR B 455 4.65 24.28 38.18
C THR B 455 3.72 23.27 38.82
N THR B 456 3.18 23.59 40.01
CA THR B 456 2.28 22.66 40.69
C THR B 456 0.99 22.45 39.88
N ARG B 457 0.39 23.53 39.39
CA ARG B 457 -0.83 23.40 38.61
C ARG B 457 -0.55 22.74 37.27
N ASN B 458 0.63 23.02 36.69
CA ASN B 458 1.02 22.32 35.47
C ASN B 458 1.08 20.82 35.71
N ALA B 459 1.75 20.39 36.78
CA ALA B 459 1.84 18.97 37.09
C ALA B 459 0.47 18.37 37.36
N TYR B 460 -0.40 19.12 38.05
CA TYR B 460 -1.76 18.64 38.30
C TYR B 460 -2.51 18.39 37.00
N ILE B 461 -2.44 19.34 36.07
CA ILE B 461 -3.11 19.19 34.78
C ILE B 461 -2.55 18.00 34.03
N GLN B 462 -1.21 17.86 34.00
CA GLN B 462 -0.62 16.73 33.27
C GLN B 462 -1.02 15.39 33.89
N LYS B 463 -1.04 15.31 35.22
CA LYS B 463 -1.31 14.02 35.84
C LYS B 463 -2.77 13.61 35.67
N TYR B 464 -3.70 14.57 35.67
CA TYR B 464 -5.09 14.20 35.43
C TYR B 464 -5.36 13.96 33.94
N LEU B 465 -4.64 14.65 33.06
CA LEU B 465 -4.90 14.55 31.63
C LEU B 465 -4.64 13.15 31.11
N GLU B 466 -3.55 12.52 31.58
CA GLU B 466 -3.21 11.18 31.10
C GLU B 466 -4.26 10.16 31.48
N ARG B 467 -4.75 10.24 32.72
CA ARG B 467 -5.82 9.34 33.16
C ARG B 467 -7.07 9.55 32.33
N ALA B 468 -7.42 10.81 32.06
CA ALA B 468 -8.59 11.08 31.22
C ALA B 468 -8.42 10.48 29.84
N ARG B 469 -7.25 10.65 29.23
CA ARG B 469 -6.98 10.09 27.91
C ARG B 469 -7.13 8.58 27.92
N SER B 470 -6.55 7.90 28.92
CA SER B 470 -6.59 6.44 28.95
C SER B 470 -8.01 5.93 29.12
N THR B 471 -8.78 6.55 30.03
CA THR B 471 -10.15 6.11 30.24
C THR B 471 -10.98 6.33 28.98
N LEU B 472 -10.79 7.47 28.30
CA LEU B 472 -11.57 7.75 27.11
C LEU B 472 -11.23 6.77 25.99
N ARG B 473 -9.94 6.41 25.87
CA ARG B 473 -9.54 5.43 24.87
C ARG B 473 -10.19 4.07 25.12
N TRP B 474 -10.19 3.62 26.38
CA TRP B 474 -10.84 2.35 26.69
C TRP B 474 -12.33 2.41 26.35
N LEU B 475 -12.98 3.51 26.73
CA LEU B 475 -14.41 3.64 26.44
C LEU B 475 -14.69 3.60 24.94
N CYS B 476 -13.89 4.31 24.15
CA CYS B 476 -14.15 4.35 22.71
C CYS B 476 -13.90 3.01 22.06
N ALA B 477 -12.87 2.28 22.51
CA ALA B 477 -12.64 0.95 21.96
C ALA B 477 -13.81 0.02 22.26
N LEU B 478 -14.30 0.03 23.51
CA LEU B 478 -15.44 -0.81 23.85
C LEU B 478 -16.68 -0.42 23.04
N LEU B 479 -16.91 0.89 22.88
CA LEU B 479 -18.07 1.34 22.12
C LEU B 479 -17.99 0.89 20.66
N GLY B 480 -16.80 0.98 20.06
CA GLY B 480 -16.64 0.52 18.69
C GLY B 480 -16.91 -0.97 18.55
N MET B 481 -16.39 -1.77 19.48
CA MET B 481 -16.67 -3.20 19.44
C MET B 481 -18.16 -3.49 19.56
N ILE B 482 -18.84 -2.78 20.47
CA ILE B 482 -20.27 -2.99 20.66
C ILE B 482 -21.05 -2.62 19.40
N ILE B 483 -20.68 -1.50 18.77
CA ILE B 483 -21.37 -1.08 17.55
C ILE B 483 -21.19 -2.11 16.45
N VAL B 484 -19.97 -2.61 16.27
CA VAL B 484 -19.73 -3.62 15.23
C VAL B 484 -20.55 -4.87 15.51
N GLY B 485 -20.59 -5.31 16.77
CA GLY B 485 -21.38 -6.49 17.10
C GLY B 485 -22.86 -6.29 16.85
N MET B 486 -23.39 -5.13 17.23
CA MET B 486 -24.81 -4.87 17.00
C MET B 486 -25.12 -4.84 15.51
N SER B 487 -24.25 -4.23 14.70
CA SER B 487 -24.49 -4.19 13.26
C SER B 487 -24.45 -5.58 12.65
N ILE B 488 -23.47 -6.41 13.05
CA ILE B 488 -23.40 -7.75 12.49
C ILE B 488 -24.56 -8.61 12.96
N LEU B 489 -25.14 -8.31 14.13
CA LEU B 489 -26.33 -9.03 14.55
C LEU B 489 -27.58 -8.55 13.82
N CYS B 490 -27.61 -7.28 13.41
CA CYS B 490 -28.77 -6.70 12.74
C CYS B 490 -28.75 -6.90 11.23
N ILE B 491 -27.62 -7.31 10.65
CA ILE B 491 -27.55 -7.46 9.19
C ILE B 491 -28.55 -8.46 8.62
N PRO B 492 -28.76 -9.66 9.20
CA PRO B 492 -29.53 -10.67 8.45
C PRO B 492 -30.99 -10.34 8.24
N LEU B 493 -31.56 -9.40 8.99
CA LEU B 493 -32.99 -9.08 8.88
C LEU B 493 -33.26 -8.04 7.81
N ALA B 494 -32.88 -8.35 6.56
CA ALA B 494 -33.11 -7.47 5.44
C ALA B 494 -33.52 -8.29 4.22
N LYS B 495 -34.42 -7.74 3.42
CA LYS B 495 -34.92 -8.40 2.22
C LYS B 495 -34.63 -7.63 0.94
N ASN B 496 -33.94 -6.50 1.01
CA ASN B 496 -33.64 -5.70 -0.16
C ASN B 496 -32.21 -5.20 -0.08
N ILE B 497 -31.69 -4.76 -1.24
CA ILE B 497 -30.34 -4.19 -1.27
C ILE B 497 -30.26 -2.93 -0.42
N TYR B 498 -31.27 -2.07 -0.51
CA TYR B 498 -31.30 -0.86 0.28
C TYR B 498 -31.37 -1.15 1.78
N GLY B 499 -31.88 -2.32 2.16
CA GLY B 499 -31.90 -2.70 3.56
C GLY B 499 -30.49 -2.83 4.14
N LEU B 500 -29.50 -3.02 3.27
CA LEU B 500 -28.09 -3.07 3.65
C LEU B 500 -27.47 -1.71 3.81
N ILE B 501 -28.19 -0.61 3.55
CA ILE B 501 -27.60 0.72 3.70
C ILE B 501 -27.34 1.03 5.17
N ALA B 502 -28.31 0.72 6.04
CA ALA B 502 -28.18 1.09 7.44
C ALA B 502 -27.03 0.38 8.15
N PRO B 503 -26.86 -0.94 8.05
CA PRO B 503 -25.76 -1.57 8.80
C PRO B 503 -24.38 -1.08 8.41
N ASN B 504 -24.14 -0.84 7.12
CA ASN B 504 -22.81 -0.40 6.67
C ASN B 504 -22.44 0.92 7.32
N PHE B 505 -23.37 1.88 7.33
CA PHE B 505 -23.13 3.16 7.97
C PHE B 505 -22.71 2.99 9.42
N GLY B 506 -23.17 1.92 10.07
CA GLY B 506 -22.69 1.62 11.42
C GLY B 506 -21.23 1.19 11.42
N VAL B 507 -20.91 0.17 10.62
CA VAL B 507 -19.59 -0.47 10.73
C VAL B 507 -18.49 0.53 10.42
N GLY B 508 -18.61 1.23 9.29
CA GLY B 508 -17.62 2.23 8.93
C GLY B 508 -17.43 3.30 9.97
N PHE B 509 -18.46 3.56 10.79
CA PHE B 509 -18.31 4.49 11.89
C PHE B 509 -17.31 3.94 12.93
N ALA B 510 -17.55 2.71 13.39
CA ALA B 510 -16.77 2.18 14.50
C ALA B 510 -15.29 2.06 14.12
N ILE B 511 -15.01 1.48 12.96
CA ILE B 511 -13.63 1.34 12.50
C ILE B 511 -12.96 2.70 12.43
N GLY B 512 -13.72 3.76 12.14
CA GLY B 512 -13.14 5.09 12.21
C GLY B 512 -12.79 5.49 13.63
N MET B 513 -13.76 5.37 14.55
CA MET B 513 -13.60 5.93 15.88
C MET B 513 -12.39 5.36 16.59
N VAL B 514 -12.24 4.03 16.54
CA VAL B 514 -11.11 3.38 17.19
C VAL B 514 -9.80 3.98 16.68
N ASP B 515 -9.69 4.15 15.37
CA ASP B 515 -8.46 4.71 14.80
C ASP B 515 -8.16 6.07 15.40
N SER B 516 -9.20 6.88 15.61
CA SER B 516 -8.99 8.23 16.12
C SER B 516 -8.30 8.23 17.49
N SER B 517 -8.37 7.12 18.22
CA SER B 517 -7.74 7.06 19.52
C SER B 517 -6.38 6.37 19.50
N MET B 518 -6.08 5.60 18.46
CA MET B 518 -4.87 4.80 18.47
C MET B 518 -3.73 5.40 17.67
N MET B 519 -4.03 6.23 16.68
CA MET B 519 -2.99 6.75 15.79
C MET B 519 -1.94 7.58 16.53
N PRO B 520 -2.28 8.52 17.42
CA PRO B 520 -1.24 9.36 18.02
C PRO B 520 -0.18 8.58 18.79
N ILE B 521 -0.52 7.45 19.41
CA ILE B 521 0.45 6.74 20.23
C ILE B 521 1.22 5.70 19.41
N MET B 522 0.55 4.98 18.53
CA MET B 522 1.18 3.93 17.73
C MET B 522 0.92 4.18 16.26
N GLY B 523 1.94 3.96 15.43
CA GLY B 523 1.84 4.28 14.02
C GLY B 523 1.96 3.11 13.08
N TYR B 524 2.38 1.95 13.57
CA TYR B 524 2.57 0.79 12.72
C TYR B 524 1.29 -0.02 12.52
N LEU B 525 0.19 0.34 13.18
CA LEU B 525 -1.06 -0.38 12.98
C LEU B 525 -1.54 -0.26 11.54
N VAL B 526 -1.36 0.92 10.94
CA VAL B 526 -1.73 1.09 9.54
C VAL B 526 -0.93 0.16 8.65
N ASP B 527 0.38 0.07 8.89
CA ASP B 527 1.21 -0.81 8.08
C ASP B 527 0.80 -2.27 8.24
N LEU B 528 0.56 -2.70 9.48
CA LEU B 528 0.17 -4.10 9.70
C LEU B 528 -1.15 -4.42 9.00
N ARG B 529 -2.15 -3.55 9.17
CA ARG B 529 -3.44 -3.80 8.55
C ARG B 529 -3.34 -3.79 7.03
N HIS B 530 -2.58 -2.83 6.48
CA HIS B 530 -2.44 -2.74 5.03
C HIS B 530 -1.78 -3.99 4.46
N VAL B 531 -0.70 -4.44 5.08
CA VAL B 531 0.00 -5.63 4.58
C VAL B 531 -0.92 -6.84 4.66
N SER B 532 -1.63 -7.00 5.78
CA SER B 532 -2.51 -8.16 5.92
C SER B 532 -3.60 -8.17 4.86
N VAL B 533 -4.28 -7.03 4.67
CA VAL B 533 -5.37 -6.97 3.71
C VAL B 533 -4.87 -7.18 2.29
N TYR B 534 -3.74 -6.56 1.94
CA TYR B 534 -3.27 -6.65 0.56
C TYR B 534 -2.74 -8.05 0.24
N GLY B 535 -2.08 -8.69 1.21
CA GLY B 535 -1.71 -10.08 1.02
C GLY B 535 -2.90 -11.00 0.88
N SER B 536 -3.95 -10.76 1.68
CA SER B 536 -5.15 -11.58 1.57
C SER B 536 -5.80 -11.44 0.20
N VAL B 537 -5.88 -10.21 -0.31
CA VAL B 537 -6.48 -10.01 -1.64
C VAL B 537 -5.63 -10.66 -2.72
N TYR B 538 -4.30 -10.55 -2.62
CA TYR B 538 -3.41 -11.21 -3.56
C TYR B 538 -3.64 -12.72 -3.58
N ALA B 539 -3.68 -13.34 -2.40
CA ALA B 539 -3.86 -14.78 -2.32
C ALA B 539 -5.23 -15.21 -2.83
N ILE B 540 -6.27 -14.43 -2.53
CA ILE B 540 -7.60 -14.75 -3.01
C ILE B 540 -7.67 -14.69 -4.53
N ALA B 541 -7.06 -13.65 -5.11
CA ALA B 541 -7.03 -13.57 -6.57
C ALA B 541 -6.30 -14.77 -7.17
N ASP B 542 -5.17 -15.16 -6.57
CA ASP B 542 -4.42 -16.29 -7.09
C ASP B 542 -5.24 -17.58 -7.04
N VAL B 543 -5.87 -17.85 -5.90
CA VAL B 543 -6.62 -19.10 -5.75
C VAL B 543 -7.86 -19.11 -6.63
N ALA B 544 -8.49 -17.93 -6.81
CA ALA B 544 -9.63 -17.86 -7.71
C ALA B 544 -9.22 -18.12 -9.15
N PHE B 545 -8.06 -17.60 -9.55
CA PHE B 545 -7.55 -17.89 -10.89
C PHE B 545 -7.20 -19.37 -11.03
N CYS B 546 -6.77 -20.00 -9.93
CA CYS B 546 -6.31 -21.38 -10.00
C CYS B 546 -7.40 -22.33 -10.50
N MET B 547 -8.63 -22.14 -10.02
CA MET B 547 -9.74 -22.98 -10.46
C MET B 547 -10.01 -22.76 -11.95
N GLY B 548 -10.25 -23.85 -12.66
CA GLY B 548 -10.54 -23.78 -14.09
C GLY B 548 -9.29 -23.79 -14.96
N ILE B 563 -17.63 -19.58 -3.71
CA ILE B 563 -16.87 -19.90 -2.51
C ILE B 563 -17.29 -19.00 -1.36
N GLY B 564 -18.38 -18.27 -1.56
CA GLY B 564 -18.86 -17.38 -0.52
C GLY B 564 -18.33 -15.97 -0.67
N PHE B 565 -19.13 -15.01 -0.22
CA PHE B 565 -18.78 -13.59 -0.32
C PHE B 565 -18.66 -12.98 1.06
N PRO B 566 -17.45 -12.72 1.56
CA PRO B 566 -17.32 -12.10 2.88
C PRO B 566 -17.92 -10.69 2.89
N TRP B 567 -18.45 -10.30 4.04
CA TRP B 567 -19.13 -9.02 4.17
C TRP B 567 -18.26 -7.95 4.82
N LEU B 568 -17.63 -8.25 5.95
CA LEU B 568 -16.83 -7.26 6.65
C LEU B 568 -15.49 -7.02 5.96
N MET B 569 -14.92 -8.06 5.35
CA MET B 569 -13.66 -7.89 4.66
C MET B 569 -13.79 -6.94 3.48
N THR B 570 -14.96 -6.91 2.83
CA THR B 570 -15.19 -5.94 1.77
C THR B 570 -15.12 -4.51 2.28
N ILE B 571 -15.73 -4.26 3.44
CA ILE B 571 -15.68 -2.91 4.03
C ILE B 571 -14.24 -2.55 4.39
N ILE B 572 -13.51 -3.50 4.98
CA ILE B 572 -12.12 -3.24 5.33
C ILE B 572 -11.29 -2.92 4.09
N GLY B 573 -11.50 -3.68 3.02
CA GLY B 573 -10.78 -3.42 1.79
C GLY B 573 -11.10 -2.06 1.19
N ILE B 574 -12.37 -1.67 1.20
CA ILE B 574 -12.75 -0.37 0.67
C ILE B 574 -12.08 0.75 1.46
N ILE B 575 -12.14 0.65 2.79
CA ILE B 575 -11.53 1.67 3.64
C ILE B 575 -10.02 1.73 3.39
N ASP B 576 -9.39 0.56 3.27
CA ASP B 576 -7.94 0.52 3.06
C ASP B 576 -7.58 1.17 1.73
N ILE B 577 -8.22 0.75 0.63
CA ILE B 577 -8.01 1.38 -0.67
C ILE B 577 -8.08 2.89 -0.55
N LEU B 578 -9.19 3.39 -0.01
CA LEU B 578 -9.43 4.83 -0.08
C LEU B 578 -8.46 5.61 0.80
N PHE B 579 -8.11 5.10 1.97
CA PHE B 579 -7.46 5.96 2.96
C PHE B 579 -6.06 5.55 3.37
N ALA B 580 -5.51 4.44 2.86
CA ALA B 580 -4.10 4.14 3.15
C ALA B 580 -3.14 4.88 2.23
N PRO B 581 -3.33 4.95 0.91
CA PRO B 581 -2.45 5.80 0.09
C PRO B 581 -2.44 7.25 0.55
N LEU B 582 -3.60 7.78 0.96
CA LEU B 582 -3.66 9.15 1.44
C LEU B 582 -2.85 9.31 2.72
N CYS B 583 -2.89 8.32 3.61
CA CYS B 583 -2.17 8.42 4.88
C CYS B 583 -0.67 8.39 4.68
N PHE B 584 -0.17 7.55 3.78
CA PHE B 584 1.26 7.46 3.51
C PHE B 584 1.77 8.74 2.88
#